data_2QCU
#
_entry.id   2QCU
#
_cell.length_a   113.791
_cell.length_b   114.097
_cell.length_c   192.801
_cell.angle_alpha   90.00
_cell.angle_beta   90.00
_cell.angle_gamma   90.00
#
_symmetry.space_group_name_H-M   'I 2 2 2'
#
loop_
_entity.id
_entity.type
_entity.pdbx_description
1 polymer 'Aerobic glycerol-3-phosphate dehydrogenase'
2 non-polymer 'octyl beta-D-glucopyranoside'
3 non-polymer 'SULFATE ION'
4 non-polymer 'PHOSPHATE ION'
5 non-polymer 'FLAVIN-ADENINE DINUCLEOTIDE'
6 non-polymer TRIS(HYDROXYETHYL)AMINOMETHANE
7 non-polymer 1,2-ETHANEDIOL
8 non-polymer IMIDAZOLE
9 water water
#
_entity_poly.entity_id   1
_entity_poly.type   'polypeptide(L)'
_entity_poly.pdbx_seq_one_letter_code
;METKDLIVIGGGINGAGIAADAAGRGLSVLMLEAQDLACATSSASSKLIHGGLRYLEHYEFRLVSEALAEREVLLKMAPH
IAFPMRFRLPHRPHLRPAWMIRIGLFMYDHLGKRTSLPGSTGLRFGANSVLKPEIKRGFEYSDCWVDDARLVLANAQMVV
RKGGEVLTRTRATSARRENGLWIVEAEDIDTGKKYSWQARGLVNATGPWVKQFFDDGMHLPSPYGIRLIKGSHIVVPRVH
TQKQAYILQNEDKRIVFVIPWMDEFSIIGTTDVEYKGDPKAVKIEESEINYLLNVYNTHFKKQLSRDDIVWTYSGVRPLC
DDESDSPQAITRDYTLDIHDENGKAPLLSVFGGKLTTYRKLAEHALEKLTPYYQGIGPAWTKESVLPGGAIEGDRDDYAA
RLRRRYPFLTESLARHYARTYGSNSELLLGNAGTVSDLGEDFGHEFYEAELKYLVDHEWVRRADDALWRRTKQGMWLNAD
QQSRVSQWLVEYTQQRLSLAS
;
_entity_poly.pdbx_strand_id   A,B
#
# COMPACT_ATOMS: atom_id res chain seq x y z
N THR A 3 1.68 -18.66 26.44
CA THR A 3 3.11 -18.25 26.56
C THR A 3 3.63 -17.38 25.41
N LYS A 4 3.82 -16.09 25.68
CA LYS A 4 4.43 -15.21 24.68
C LYS A 4 5.94 -15.35 24.68
N ASP A 5 6.58 -15.13 23.54
CA ASP A 5 8.03 -15.01 23.50
C ASP A 5 8.47 -13.77 24.28
N LEU A 6 7.83 -12.65 24.00
CA LEU A 6 8.32 -11.40 24.60
C LEU A 6 7.12 -10.59 25.05
N ILE A 7 7.16 -10.07 26.27
CA ILE A 7 6.19 -9.05 26.66
C ILE A 7 6.96 -7.72 26.84
N VAL A 8 6.39 -6.66 26.27
CA VAL A 8 6.97 -5.32 26.37
C VAL A 8 6.02 -4.44 27.16
N ILE A 9 6.54 -3.83 28.22
CA ILE A 9 5.71 -3.04 29.10
C ILE A 9 6.04 -1.58 28.81
N GLY A 10 5.04 -0.88 28.27
CA GLY A 10 5.22 0.53 27.87
C GLY A 10 4.89 0.70 26.40
N GLY A 11 4.05 1.68 26.10
CA GLY A 11 3.73 2.04 24.71
C GLY A 11 4.00 3.48 24.32
N GLY A 12 5.14 3.96 24.80
CA GLY A 12 5.83 5.07 24.17
C GLY A 12 6.65 4.61 23.00
N ILE A 13 7.52 5.50 22.52
CA ILE A 13 8.26 5.21 21.29
C ILE A 13 9.17 4.00 21.49
N ASN A 14 9.80 3.94 22.65
CA ASN A 14 10.78 2.85 22.89
C ASN A 14 10.12 1.49 23.02
N GLY A 15 9.01 1.41 23.75
CA GLY A 15 8.29 0.13 23.86
C GLY A 15 7.74 -0.26 22.50
N ALA A 16 7.13 0.69 21.78
CA ALA A 16 6.48 0.34 20.50
C ALA A 16 7.55 -0.08 19.47
N GLY A 17 8.70 0.58 19.48
CA GLY A 17 9.78 0.30 18.51
C GLY A 17 10.41 -1.06 18.79
N ILE A 18 10.56 -1.36 20.07
CA ILE A 18 11.09 -2.69 20.45
C ILE A 18 10.10 -3.82 20.11
N ALA A 19 8.83 -3.62 20.46
CA ALA A 19 7.79 -4.59 20.13
C ALA A 19 7.74 -4.84 18.61
N ALA A 20 7.82 -3.78 17.82
CA ALA A 20 7.68 -3.92 16.35
C ALA A 20 8.84 -4.70 15.79
N ASP A 21 10.03 -4.37 16.27
CA ASP A 21 11.27 -4.96 15.75
C ASP A 21 11.23 -6.45 16.11
N ALA A 22 10.86 -6.74 17.35
CA ALA A 22 10.71 -8.14 17.81
C ALA A 22 9.70 -8.95 17.01
N ALA A 23 8.52 -8.37 16.79
CA ALA A 23 7.49 -9.07 16.02
C ALA A 23 7.97 -9.39 14.59
N GLY A 24 8.72 -8.47 13.99
CA GLY A 24 9.24 -8.67 12.63
C GLY A 24 10.42 -9.64 12.56
N ARG A 25 10.89 -10.08 13.73
CA ARG A 25 11.94 -11.10 13.79
C ARG A 25 11.30 -12.45 14.14
N GLY A 26 9.97 -12.48 14.08
CA GLY A 26 9.18 -13.70 14.27
C GLY A 26 8.89 -14.05 15.72
N LEU A 27 9.20 -13.18 16.67
CA LEU A 27 8.78 -13.44 18.05
C LEU A 27 7.29 -13.22 18.22
N SER A 28 6.63 -14.01 19.07
CA SER A 28 5.27 -13.65 19.47
C SER A 28 5.37 -12.57 20.55
N VAL A 29 4.80 -11.39 20.27
CA VAL A 29 4.98 -10.22 21.11
C VAL A 29 3.65 -9.72 21.64
N LEU A 30 3.66 -9.29 22.89
CA LEU A 30 2.54 -8.56 23.46
C LEU A 30 3.08 -7.26 24.05
N MET A 31 2.49 -6.15 23.63
CA MET A 31 2.89 -4.85 24.17
C MET A 31 1.73 -4.34 25.02
N LEU A 32 2.03 -3.89 26.25
CA LEU A 32 1.03 -3.41 27.18
C LEU A 32 1.23 -1.90 27.42
N GLU A 33 0.15 -1.15 27.34
CA GLU A 33 0.24 0.29 27.63
C GLU A 33 -0.84 0.64 28.64
N ALA A 34 -0.41 1.25 29.75
CA ALA A 34 -1.25 1.52 30.88
C ALA A 34 -2.42 2.41 30.52
N GLN A 35 -2.17 3.42 29.68
CA GLN A 35 -3.25 4.32 29.31
C GLN A 35 -3.39 4.38 27.78
N ASP A 36 -2.76 5.35 27.11
CA ASP A 36 -2.89 5.40 25.65
C ASP A 36 -1.47 5.42 25.02
N LEU A 37 -1.36 4.99 23.77
CA LEU A 37 -0.09 4.96 23.09
C LEU A 37 0.51 6.36 22.95
N ALA A 38 1.64 6.58 23.61
CA ALA A 38 2.32 7.87 23.56
C ALA A 38 1.67 8.90 24.48
N CYS A 39 1.03 8.42 25.54
CA CYS A 39 0.38 9.30 26.50
C CYS A 39 1.31 10.10 27.38
N ALA A 40 2.58 9.73 27.42
CA ALA A 40 3.51 10.43 28.33
C ALA A 40 4.61 11.14 27.53
N THR A 41 5.87 10.73 27.70
CA THR A 41 6.95 11.56 27.17
C THR A 41 6.94 11.64 25.64
N SER A 42 6.47 10.56 25.02
CA SER A 42 6.58 10.46 23.53
C SER A 42 5.55 11.34 22.82
N SER A 43 4.65 12.00 23.54
CA SER A 43 3.85 13.05 22.92
C SER A 43 4.20 14.46 23.42
N ALA A 44 5.23 14.56 24.26
CA ALA A 44 5.63 15.84 24.90
C ALA A 44 6.95 16.39 24.40
N SER A 45 7.42 15.91 23.25
CA SER A 45 8.76 16.22 22.75
C SER A 45 8.71 17.52 21.93
N SER A 46 9.87 18.00 21.49
CA SER A 46 9.93 19.15 20.55
C SER A 46 9.71 18.63 19.11
N LYS A 47 9.41 17.34 18.93
CA LYS A 47 8.99 16.80 17.61
C LYS A 47 10.11 16.92 16.53
N LEU A 48 11.35 16.86 16.99
CA LEU A 48 12.52 16.91 16.09
C LEU A 48 13.22 15.55 15.95
N ILE A 49 13.57 15.20 14.71
CA ILE A 49 14.51 14.09 14.50
C ILE A 49 15.82 14.78 14.18
N HIS A 50 16.75 14.78 15.13
CA HIS A 50 17.85 15.72 14.99
C HIS A 50 19.30 15.34 14.75
N GLY A 51 19.91 14.59 15.66
CA GLY A 51 21.35 14.70 15.70
C GLY A 51 21.83 15.41 16.96
N GLY A 52 21.24 16.56 17.28
CA GLY A 52 21.48 17.18 18.58
C GLY A 52 22.68 18.12 18.56
N LEU A 53 22.52 19.17 17.77
CA LEU A 53 23.59 20.15 17.59
C LEU A 53 24.27 20.51 18.91
N ARG A 54 23.48 20.70 19.97
CA ARG A 54 24.04 21.20 21.24
C ARG A 54 24.87 20.16 22.01
N TYR A 55 24.73 18.89 21.63
CA TYR A 55 25.44 17.81 22.30
C TYR A 55 26.92 17.73 21.86
N LEU A 56 27.24 18.35 20.73
CA LEU A 56 28.65 18.45 20.30
C LEU A 56 29.59 19.15 21.31
N GLU A 57 29.12 20.26 21.87
CA GLU A 57 29.77 20.92 22.99
C GLU A 57 30.09 19.99 24.16
N HIS A 58 29.35 18.90 24.28
CA HIS A 58 29.53 17.96 25.38
C HIS A 58 30.31 16.71 24.94
N TYR A 59 30.67 16.67 23.65
CA TYR A 59 31.44 15.57 23.05
C TYR A 59 30.67 14.27 22.83
N GLU A 60 29.35 14.35 22.75
CA GLU A 60 28.53 13.17 22.54
C GLU A 60 28.48 12.75 21.07
N PHE A 61 29.65 12.44 20.51
CA PHE A 61 29.78 12.06 19.12
C PHE A 61 28.96 10.80 18.77
N ARG A 62 29.06 9.77 19.60
CA ARG A 62 28.37 8.52 19.30
C ARG A 62 26.88 8.79 19.09
N LEU A 63 26.28 9.50 20.05
CA LEU A 63 24.85 9.83 19.95
C LEU A 63 24.52 10.71 18.73
N VAL A 64 25.18 11.85 18.62
CA VAL A 64 25.04 12.77 17.47
C VAL A 64 25.27 12.07 16.11
N SER A 65 26.36 11.32 15.98
CA SER A 65 26.57 10.57 14.76
C SER A 65 25.44 9.59 14.48
N GLU A 66 25.01 8.84 15.49
CA GLU A 66 23.93 7.87 15.28
C GLU A 66 22.66 8.62 14.84
N ALA A 67 22.28 9.62 15.65
CA ALA A 67 21.04 10.36 15.47
C ALA A 67 21.03 10.99 14.08
N LEU A 68 22.18 11.54 13.68
CA LEU A 68 22.25 12.21 12.39
C LEU A 68 21.99 11.25 11.23
N ALA A 69 22.58 10.06 11.26
CA ALA A 69 22.42 9.10 10.15
C ALA A 69 21.03 8.43 10.12
N GLU A 70 20.43 8.34 11.30
CA GLU A 70 19.05 7.86 11.41
C GLU A 70 18.04 8.80 10.77
N ARG A 71 18.33 10.09 10.73
CA ARG A 71 17.39 11.05 10.16
C ARG A 71 16.96 10.49 8.81
N GLU A 72 17.91 10.08 7.99
CA GLU A 72 17.58 9.69 6.63
C GLU A 72 16.84 8.36 6.57
N VAL A 73 17.19 7.46 7.48
CA VAL A 73 16.43 6.25 7.65
C VAL A 73 14.97 6.57 8.04
N LEU A 74 14.77 7.41 9.06
CA LEU A 74 13.41 7.73 9.50
C LEU A 74 12.57 8.46 8.46
N LEU A 75 13.18 9.36 7.69
CA LEU A 75 12.45 10.05 6.60
C LEU A 75 11.89 9.09 5.54
N LYS A 76 12.62 8.00 5.31
CA LYS A 76 12.21 6.97 4.35
C LYS A 76 11.14 6.06 4.95
N MET A 77 11.20 5.85 6.26
CA MET A 77 10.29 4.91 6.93
C MET A 77 8.91 5.49 7.13
N ALA A 78 8.85 6.80 7.31
CA ALA A 78 7.63 7.51 7.66
C ALA A 78 7.50 8.90 7.02
N PRO A 79 7.53 8.91 5.69
CA PRO A 79 7.44 10.14 4.91
C PRO A 79 6.16 10.91 5.17
N HIS A 80 5.09 10.22 5.55
CA HIS A 80 3.81 10.91 5.79
C HIS A 80 3.90 11.86 7.00
N ILE A 81 4.69 11.50 8.00
CA ILE A 81 4.74 12.28 9.23
C ILE A 81 6.10 12.90 9.57
N ALA A 82 7.13 12.61 8.77
CA ALA A 82 8.45 13.17 9.01
C ALA A 82 8.96 13.85 7.75
N PHE A 83 9.52 15.04 7.92
CA PHE A 83 10.01 15.80 6.76
C PHE A 83 11.13 16.75 7.13
N PRO A 84 11.93 17.16 6.13
CA PRO A 84 13.02 18.06 6.35
C PRO A 84 12.57 19.45 6.73
N MET A 85 13.35 20.07 7.60
CA MET A 85 13.11 21.43 8.00
C MET A 85 14.46 22.18 7.99
N ARG A 86 14.41 23.47 7.72
CA ARG A 86 15.60 24.30 7.88
C ARG A 86 15.58 25.07 9.19
N PHE A 87 16.74 25.15 9.81
CA PHE A 87 16.90 25.84 11.07
C PHE A 87 17.86 27.01 10.97
N ARG A 88 17.43 28.16 11.48
CA ARG A 88 18.23 29.38 11.47
C ARG A 88 18.71 29.66 12.88
N LEU A 89 20.02 29.83 12.97
CA LEU A 89 20.72 30.17 14.20
C LEU A 89 21.23 31.61 14.11
N PRO A 90 20.60 32.54 14.85
CA PRO A 90 21.11 33.91 14.93
C PRO A 90 22.42 33.98 15.69
N HIS A 91 23.38 34.67 15.07
CA HIS A 91 24.72 34.77 15.62
C HIS A 91 24.74 35.70 16.85
N ARG A 92 25.33 35.23 17.93
CA ARG A 92 25.41 35.98 19.19
C ARG A 92 26.83 35.84 19.70
N PRO A 93 27.74 36.72 19.25
CA PRO A 93 29.15 36.41 19.42
C PRO A 93 29.61 36.51 20.89
N HIS A 94 28.86 37.22 21.73
CA HIS A 94 29.17 37.23 23.17
C HIS A 94 28.97 35.85 23.80
N LEU A 95 28.25 34.97 23.11
CA LEU A 95 28.00 33.63 23.63
C LEU A 95 28.85 32.57 22.95
N ARG A 96 28.80 32.52 21.62
CA ARG A 96 29.65 31.60 20.89
C ARG A 96 30.26 32.35 19.70
N PRO A 97 31.57 32.16 19.47
CA PRO A 97 32.20 32.98 18.43
C PRO A 97 31.91 32.36 17.06
N ALA A 98 31.79 33.20 16.03
CA ALA A 98 31.54 32.70 14.68
C ALA A 98 32.40 31.50 14.29
N TRP A 99 33.69 31.52 14.67
CA TRP A 99 34.59 30.45 14.28
C TRP A 99 34.19 29.08 14.80
N MET A 100 33.76 29.02 16.05
CA MET A 100 33.27 27.80 16.66
C MET A 100 32.03 27.26 15.91
N ILE A 101 31.10 28.15 15.57
CA ILE A 101 29.92 27.74 14.82
C ILE A 101 30.30 27.25 13.42
N ARG A 102 31.24 27.94 12.79
CA ARG A 102 31.59 27.64 11.41
C ARG A 102 32.39 26.33 11.27
N ILE A 103 32.66 25.66 12.39
CA ILE A 103 33.14 24.27 12.41
C ILE A 103 32.08 23.29 12.92
N GLY A 104 31.51 23.59 14.08
CA GLY A 104 30.35 22.84 14.57
C GLY A 104 29.45 22.37 13.43
N LEU A 105 29.28 23.23 12.44
CA LEU A 105 28.34 23.01 11.35
C LEU A 105 28.85 21.94 10.37
N PHE A 106 30.16 21.87 10.19
CA PHE A 106 30.74 20.84 9.32
C PHE A 106 30.74 19.43 9.92
N MET A 107 30.87 19.35 11.25
CA MET A 107 30.64 18.09 11.97
C MET A 107 29.21 17.58 11.80
N TYR A 108 28.26 18.47 12.04
CA TYR A 108 26.83 18.20 11.82
C TYR A 108 26.55 17.83 10.36
N ASP A 109 27.47 18.17 9.47
CA ASP A 109 27.31 17.92 8.03
C ASP A 109 27.93 16.58 7.61
N HIS A 110 28.98 16.18 8.32
CA HIS A 110 29.73 14.97 7.98
C HIS A 110 30.06 14.18 9.23
N LEU A 111 29.04 13.95 10.05
CA LEU A 111 29.08 12.97 11.13
C LEU A 111 28.19 11.76 10.80
N GLY A 112 27.26 11.96 9.87
CA GLY A 112 26.31 10.92 9.47
C GLY A 112 26.40 10.51 8.01
N LYS A 113 26.67 11.50 7.15
CA LYS A 113 26.94 11.29 5.73
C LYS A 113 25.78 11.56 4.75
N ARG A 114 24.76 12.26 5.24
CA ARG A 114 23.48 12.49 4.56
C ARG A 114 23.43 12.36 3.03
N THR A 115 22.33 11.79 2.54
CA THR A 115 22.18 11.47 1.13
C THR A 115 21.31 12.53 0.44
N SER A 116 20.66 13.39 1.23
CA SER A 116 19.56 14.17 0.66
C SER A 116 19.27 15.50 1.31
N LEU A 117 19.77 15.70 2.53
CA LEU A 117 19.47 16.92 3.26
C LEU A 117 20.46 18.01 2.84
N PRO A 118 19.94 19.20 2.48
CA PRO A 118 20.76 20.24 1.90
C PRO A 118 21.89 20.69 2.81
N GLY A 119 22.77 21.48 2.21
CA GLY A 119 24.08 21.82 2.76
C GLY A 119 24.09 22.46 4.13
N SER A 120 23.65 23.72 4.23
CA SER A 120 24.16 24.58 5.29
C SER A 120 24.77 25.90 4.76
N THR A 121 24.38 27.02 5.35
CA THR A 121 24.65 28.32 4.75
C THR A 121 24.76 29.46 5.76
N GLY A 122 25.34 30.58 5.33
CA GLY A 122 25.38 31.76 6.17
C GLY A 122 24.17 32.60 5.84
N LEU A 123 23.79 33.48 6.77
CA LEU A 123 22.70 34.42 6.53
C LEU A 123 23.14 35.82 6.94
N ARG A 124 22.53 36.81 6.30
CA ARG A 124 22.56 38.16 6.80
C ARG A 124 21.12 38.63 7.05
N PHE A 125 20.96 39.43 8.10
CA PHE A 125 19.65 39.94 8.50
C PHE A 125 19.66 41.46 8.41
N GLY A 126 18.63 42.00 7.74
CA GLY A 126 18.57 43.40 7.39
C GLY A 126 17.49 44.11 8.17
N ALA A 127 17.23 45.35 7.79
CA ALA A 127 16.33 46.23 8.56
C ALA A 127 14.90 45.68 8.53
N ASN A 128 14.61 44.83 7.55
CA ASN A 128 13.26 44.38 7.34
C ASN A 128 13.03 42.94 7.83
N SER A 129 14.02 42.33 8.47
CA SER A 129 13.86 40.91 8.86
C SER A 129 12.96 40.77 10.08
N VAL A 130 12.70 39.54 10.51
CA VAL A 130 11.82 39.33 11.66
C VAL A 130 12.58 39.47 12.97
N LEU A 131 13.91 39.50 12.89
CA LEU A 131 14.77 39.62 14.06
C LEU A 131 15.07 41.08 14.39
N LYS A 132 15.35 41.34 15.66
CA LYS A 132 15.71 42.71 16.07
C LYS A 132 16.98 43.18 15.33
N PRO A 133 17.06 44.49 15.00
CA PRO A 133 18.13 44.95 14.10
C PRO A 133 19.55 44.72 14.60
N GLU A 134 19.76 44.70 15.92
CA GLU A 134 21.10 44.44 16.45
C GLU A 134 21.67 43.10 15.99
N ILE A 135 20.80 42.14 15.67
CA ILE A 135 21.26 40.86 15.17
C ILE A 135 21.43 40.92 13.67
N LYS A 136 22.65 40.74 13.18
CA LYS A 136 22.91 41.02 11.76
C LYS A 136 23.35 39.80 10.97
N ARG A 137 23.73 38.73 11.66
CA ARG A 137 24.29 37.56 11.01
C ARG A 137 23.64 36.30 11.60
N GLY A 138 23.59 35.22 10.82
CA GLY A 138 23.26 33.90 11.36
C GLY A 138 23.67 32.79 10.43
N PHE A 139 23.12 31.60 10.65
CA PHE A 139 23.56 30.42 9.96
C PHE A 139 22.32 29.58 9.80
N GLU A 140 22.29 28.71 8.79
CA GLU A 140 21.12 27.86 8.53
C GLU A 140 21.54 26.46 8.11
N TYR A 141 20.92 25.42 8.69
CA TYR A 141 21.29 24.03 8.46
C TYR A 141 20.01 23.20 8.49
N SER A 142 20.12 21.92 8.14
CA SER A 142 18.98 21.02 7.99
C SER A 142 18.81 20.11 9.22
N ASP A 143 17.57 19.84 9.59
CA ASP A 143 17.30 18.67 10.43
C ASP A 143 15.89 18.23 10.04
N CYS A 144 15.16 17.50 10.90
CA CYS A 144 13.86 16.95 10.50
C CYS A 144 12.82 17.16 11.60
N TRP A 145 11.56 17.29 11.19
CA TRP A 145 10.43 17.36 12.15
C TRP A 145 9.66 16.05 12.04
N VAL A 146 9.06 15.62 13.14
CA VAL A 146 8.26 14.37 13.10
C VAL A 146 7.10 14.43 14.07
N ASP A 147 5.96 13.86 13.66
CA ASP A 147 4.73 13.87 14.45
C ASP A 147 4.93 12.76 15.50
N ASP A 148 5.44 13.15 16.65
CA ASP A 148 5.92 12.18 17.64
C ASP A 148 4.90 11.11 17.99
N ALA A 149 3.70 11.55 18.35
CA ALA A 149 2.66 10.62 18.80
C ALA A 149 2.21 9.67 17.69
N ARG A 150 2.26 10.12 16.44
CA ARG A 150 1.91 9.26 15.31
C ARG A 150 3.03 8.32 14.88
N LEU A 151 4.26 8.66 15.21
CA LEU A 151 5.39 7.74 15.09
C LEU A 151 5.25 6.54 16.03
N VAL A 152 4.77 6.78 17.27
CA VAL A 152 4.48 5.64 18.17
C VAL A 152 3.29 4.82 17.60
N LEU A 153 2.24 5.51 17.15
CA LEU A 153 1.10 4.80 16.55
C LEU A 153 1.52 3.93 15.37
N ALA A 154 2.40 4.45 14.53
CA ALA A 154 2.81 3.71 13.31
C ALA A 154 3.52 2.43 13.78
N ASN A 155 4.36 2.56 14.79
CA ASN A 155 5.02 1.37 15.34
C ASN A 155 4.08 0.33 15.96
N ALA A 156 3.03 0.80 16.65
CA ALA A 156 2.02 -0.09 17.25
C ALA A 156 1.30 -0.82 16.10
N GLN A 157 1.03 -0.10 15.02
CA GLN A 157 0.43 -0.72 13.84
C GLN A 157 1.32 -1.81 13.25
N MET A 158 2.63 -1.57 13.28
CA MET A 158 3.60 -2.52 12.75
C MET A 158 3.58 -3.79 13.58
N VAL A 159 3.58 -3.64 14.91
CA VAL A 159 3.40 -4.81 15.80
C VAL A 159 2.27 -5.74 15.32
N VAL A 160 1.07 -5.18 15.14
CA VAL A 160 -0.14 -5.91 14.73
C VAL A 160 0.00 -6.51 13.32
N ARG A 161 0.63 -5.77 12.42
CA ARG A 161 0.87 -6.21 11.04
C ARG A 161 1.69 -7.49 11.09
N LYS A 162 2.71 -7.48 11.94
CA LYS A 162 3.58 -8.65 12.13
C LYS A 162 3.06 -9.74 13.05
N GLY A 163 1.80 -9.66 13.45
CA GLY A 163 1.15 -10.72 14.20
C GLY A 163 1.21 -10.54 15.71
N GLY A 164 1.81 -9.45 16.16
CA GLY A 164 1.87 -9.14 17.58
C GLY A 164 0.55 -8.66 18.13
N GLU A 165 0.51 -8.40 19.44
CA GLU A 165 -0.70 -8.03 20.12
C GLU A 165 -0.40 -6.73 20.88
N VAL A 166 -1.36 -5.81 20.86
CA VAL A 166 -1.19 -4.54 21.56
C VAL A 166 -2.45 -4.32 22.38
N LEU A 167 -2.28 -4.03 23.68
CA LEU A 167 -3.40 -3.78 24.59
C LEU A 167 -3.11 -2.40 25.23
N THR A 168 -4.04 -1.45 25.11
CA THR A 168 -3.93 -0.21 25.88
C THR A 168 -4.95 -0.21 27.01
N ARG A 169 -4.96 0.85 27.82
CA ARG A 169 -5.75 0.91 29.04
C ARG A 169 -5.53 -0.32 29.93
N THR A 170 -4.30 -0.82 29.87
CA THR A 170 -3.95 -2.08 30.53
C THR A 170 -2.62 -1.94 31.25
N ARG A 171 -2.69 -1.79 32.59
CA ARG A 171 -1.52 -1.49 33.39
C ARG A 171 -0.83 -2.76 33.95
N ALA A 172 0.46 -2.95 33.69
CA ALA A 172 1.13 -4.16 34.24
C ALA A 172 1.30 -3.85 35.72
N THR A 173 0.96 -4.82 36.56
CA THR A 173 1.02 -4.59 38.00
C THR A 173 2.10 -5.43 38.68
N SER A 174 2.52 -6.52 38.04
CA SER A 174 3.73 -7.19 38.52
C SER A 174 4.36 -8.11 37.48
N ALA A 175 5.67 -8.34 37.64
CA ALA A 175 6.39 -9.27 36.80
C ALA A 175 7.38 -10.02 37.72
N ARG A 176 7.32 -11.34 37.67
CA ARG A 176 8.18 -12.17 38.53
C ARG A 176 8.58 -13.43 37.78
N ARG A 177 9.76 -13.96 38.10
CA ARG A 177 10.30 -15.10 37.36
C ARG A 177 9.89 -16.33 38.14
N GLU A 178 9.15 -17.24 37.50
CA GLU A 178 8.87 -18.55 38.09
C GLU A 178 9.17 -19.67 37.12
N ASN A 179 9.99 -20.61 37.58
CA ASN A 179 10.23 -21.82 36.83
C ASN A 179 10.82 -21.55 35.46
N GLY A 180 11.61 -20.48 35.32
CA GLY A 180 12.28 -20.21 34.05
C GLY A 180 11.51 -19.29 33.09
N LEU A 181 10.33 -18.88 33.52
CA LEU A 181 9.47 -17.99 32.72
C LEU A 181 9.12 -16.74 33.52
N TRP A 182 8.76 -15.67 32.82
CA TRP A 182 8.11 -14.56 33.48
C TRP A 182 6.61 -14.86 33.59
N ILE A 183 6.06 -14.54 34.75
CA ILE A 183 4.63 -14.40 34.93
C ILE A 183 4.34 -12.89 35.06
N VAL A 184 3.54 -12.36 34.14
CA VAL A 184 3.27 -10.94 34.15
C VAL A 184 1.78 -10.74 34.43
N GLU A 185 1.48 -9.90 35.41
CA GLU A 185 0.09 -9.64 35.76
C GLU A 185 -0.25 -8.19 35.35
N ALA A 186 -1.49 -7.99 34.93
CA ALA A 186 -1.89 -6.65 34.47
C ALA A 186 -3.39 -6.48 34.71
N GLU A 187 -3.87 -5.25 34.68
CA GLU A 187 -5.28 -5.01 34.97
C GLU A 187 -5.79 -3.94 34.02
N ASP A 188 -7.01 -4.15 33.51
CA ASP A 188 -7.71 -3.11 32.74
C ASP A 188 -8.03 -1.92 33.62
N ILE A 189 -7.61 -0.73 33.20
CA ILE A 189 -7.70 0.40 34.09
C ILE A 189 -9.16 0.86 34.25
N ASP A 190 -10.02 0.41 33.34
CA ASP A 190 -11.41 0.80 33.41
C ASP A 190 -12.25 -0.27 34.13
N THR A 191 -12.19 -1.50 33.64
CA THR A 191 -13.11 -2.55 34.08
C THR A 191 -12.58 -3.39 35.24
N GLY A 192 -11.32 -3.15 35.62
CA GLY A 192 -10.63 -4.04 36.55
C GLY A 192 -10.34 -5.46 36.12
N LYS A 193 -10.64 -5.82 34.86
CA LYS A 193 -10.30 -7.15 34.37
C LYS A 193 -8.84 -7.49 34.60
N LYS A 194 -8.59 -8.63 35.23
CA LYS A 194 -7.22 -9.02 35.54
C LYS A 194 -6.71 -9.91 34.45
N TYR A 195 -5.42 -9.82 34.15
CA TYR A 195 -4.77 -10.68 33.17
C TYR A 195 -3.52 -11.27 33.78
N SER A 196 -3.13 -12.44 33.28
CA SER A 196 -1.87 -13.06 33.64
C SER A 196 -1.33 -13.79 32.44
N TRP A 197 -0.09 -13.49 32.10
CA TRP A 197 0.56 -14.20 31.01
C TRP A 197 1.87 -14.78 31.48
N GLN A 198 2.32 -15.78 30.73
CA GLN A 198 3.68 -16.27 30.80
C GLN A 198 4.45 -15.75 29.60
N ALA A 199 5.72 -15.42 29.81
CA ALA A 199 6.54 -14.99 28.70
C ALA A 199 7.95 -15.53 28.87
N ARG A 200 8.64 -15.67 27.76
CA ARG A 200 10.03 -16.09 27.81
C ARG A 200 10.96 -14.93 28.12
N GLY A 201 10.49 -13.70 27.95
CA GLY A 201 11.40 -12.56 28.05
C GLY A 201 10.54 -11.32 28.26
N LEU A 202 11.12 -10.33 28.95
CA LEU A 202 10.40 -9.16 29.41
C LEU A 202 11.18 -7.88 29.10
N VAL A 203 10.47 -6.89 28.56
CA VAL A 203 11.09 -5.57 28.36
C VAL A 203 10.39 -4.53 29.24
N ASN A 204 11.17 -3.79 30.03
CA ASN A 204 10.67 -2.69 30.84
C ASN A 204 11.01 -1.38 30.10
N ALA A 205 10.08 -0.96 29.27
CA ALA A 205 10.22 0.29 28.53
C ALA A 205 9.23 1.38 29.03
N THR A 206 9.20 1.63 30.33
CA THR A 206 8.14 2.43 30.94
C THR A 206 8.63 3.91 31.13
N GLY A 207 9.72 4.30 30.46
CA GLY A 207 10.04 5.75 30.38
C GLY A 207 10.38 6.32 31.76
N PRO A 208 9.67 7.38 32.21
CA PRO A 208 9.81 7.96 33.53
C PRO A 208 9.58 6.98 34.68
N TRP A 209 8.82 5.91 34.40
CA TRP A 209 8.47 4.93 35.44
C TRP A 209 9.49 3.79 35.51
N VAL A 210 10.57 3.83 34.74
CA VAL A 210 11.43 2.63 34.58
C VAL A 210 11.98 2.11 35.93
N LYS A 211 12.50 3.01 36.78
CA LYS A 211 12.94 2.56 38.12
C LYS A 211 11.75 2.20 39.01
N GLN A 212 10.71 3.02 38.98
CA GLN A 212 9.53 2.64 39.75
C GLN A 212 8.99 1.25 39.43
N PHE A 213 9.05 0.85 38.16
CA PHE A 213 8.60 -0.51 37.88
C PHE A 213 9.54 -1.58 38.46
N PHE A 214 10.85 -1.32 38.47
CA PHE A 214 11.74 -2.21 39.22
C PHE A 214 11.31 -2.31 40.68
N ASP A 215 11.10 -1.17 41.31
CA ASP A 215 10.91 -1.12 42.76
C ASP A 215 9.56 -1.71 43.12
N ASP A 216 8.52 -1.33 42.38
CA ASP A 216 7.15 -1.65 42.79
C ASP A 216 6.56 -2.85 42.06
N GLY A 217 6.98 -3.02 40.80
CA GLY A 217 6.43 -4.06 39.96
C GLY A 217 7.17 -5.37 40.12
N MET A 218 8.48 -5.30 40.33
CA MET A 218 9.30 -6.49 40.17
C MET A 218 10.08 -6.83 41.46
N HIS A 219 10.17 -5.87 42.37
CA HIS A 219 11.03 -5.95 43.57
C HIS A 219 12.44 -6.39 43.22
N LEU A 220 13.02 -5.75 42.21
CA LEU A 220 14.40 -6.08 41.74
C LEU A 220 15.17 -4.77 41.77
N PRO A 221 16.50 -4.82 41.96
CA PRO A 221 17.22 -3.54 42.03
C PRO A 221 17.39 -2.93 40.63
N SER A 222 17.04 -1.66 40.47
CA SER A 222 17.32 -0.99 39.20
C SER A 222 18.82 -0.84 38.97
N PRO A 223 19.27 -1.09 37.74
CA PRO A 223 20.71 -0.86 37.48
C PRO A 223 21.14 0.60 37.56
N TYR A 224 20.21 1.52 37.27
CA TYR A 224 20.51 2.96 37.25
C TYR A 224 19.40 3.74 37.94
N GLY A 225 19.75 4.93 38.44
CA GLY A 225 18.77 5.91 38.92
C GLY A 225 18.20 6.65 37.73
N ILE A 226 17.16 7.43 37.93
CA ILE A 226 16.59 8.15 36.80
C ILE A 226 16.49 9.63 37.19
N ARG A 227 16.84 10.51 36.26
CA ARG A 227 16.81 11.94 36.51
C ARG A 227 15.67 12.60 35.75
N LEU A 228 14.52 12.73 36.40
CA LEU A 228 13.34 13.29 35.74
C LEU A 228 13.53 14.79 35.52
N ILE A 229 13.74 15.14 34.26
CA ILE A 229 13.99 16.54 33.93
C ILE A 229 12.80 17.02 33.09
N LYS A 230 12.00 17.92 33.69
CA LYS A 230 10.81 18.45 33.03
C LYS A 230 11.24 19.40 31.92
N GLY A 231 10.52 19.38 30.80
CA GLY A 231 10.67 20.43 29.78
C GLY A 231 9.27 20.79 29.32
N SER A 232 9.02 22.07 29.06
CA SER A 232 7.71 22.49 28.62
C SER A 232 7.83 23.26 27.31
N HIS A 233 6.68 23.41 26.66
CA HIS A 233 6.60 24.18 25.40
C HIS A 233 5.39 25.08 25.51
N ILE A 234 5.46 26.21 24.79
CA ILE A 234 4.28 27.04 24.65
C ILE A 234 3.90 27.13 23.16
N VAL A 235 2.63 27.40 22.89
CA VAL A 235 2.18 27.49 21.48
C VAL A 235 1.53 28.85 21.33
N VAL A 236 1.84 29.52 20.22
CA VAL A 236 1.21 30.80 19.91
C VAL A 236 0.83 30.81 18.41
N PRO A 237 -0.12 31.68 18.03
CA PRO A 237 -0.36 31.90 16.61
C PRO A 237 1.00 32.16 15.96
N ARG A 238 1.20 31.67 14.75
CA ARG A 238 2.52 31.73 14.14
C ARG A 238 3.13 33.11 14.15
N VAL A 239 4.39 33.18 14.61
CA VAL A 239 5.04 34.44 14.93
C VAL A 239 5.50 35.20 13.68
N HIS A 240 5.63 34.46 12.58
CA HIS A 240 5.96 34.97 11.25
C HIS A 240 5.52 33.95 10.19
N THR A 241 5.62 34.34 8.92
CA THR A 241 5.12 33.50 7.84
C THR A 241 6.19 32.61 7.20
N GLN A 242 7.38 32.58 7.80
CA GLN A 242 8.51 31.87 7.22
C GLN A 242 8.44 30.37 7.51
N LYS A 243 8.97 29.55 6.60
CA LYS A 243 8.90 28.11 6.77
C LYS A 243 10.01 27.59 7.70
N GLN A 244 11.07 28.39 7.92
CA GLN A 244 12.15 27.94 8.77
C GLN A 244 11.91 28.00 10.28
N ALA A 245 12.55 27.07 10.96
CA ALA A 245 12.59 27.15 12.44
C ALA A 245 13.76 28.03 12.78
N TYR A 246 13.73 28.58 13.98
CA TYR A 246 14.89 29.26 14.52
C TYR A 246 15.37 28.51 15.75
N ILE A 247 16.69 28.49 15.91
CA ILE A 247 17.30 27.98 17.15
C ILE A 247 18.02 29.15 17.80
N LEU A 248 17.59 29.49 19.01
CA LEU A 248 18.00 30.69 19.73
C LEU A 248 19.00 30.35 20.82
N GLN A 249 20.14 31.04 20.81
CA GLN A 249 21.13 30.89 21.88
C GLN A 249 20.79 31.76 23.07
N ASN A 250 20.49 31.13 24.19
CA ASN A 250 20.11 31.86 25.39
C ASN A 250 21.37 32.20 26.24
N GLU A 251 21.17 33.08 27.20
CA GLU A 251 22.29 33.64 27.97
C GLU A 251 22.87 32.60 28.94
N ASP A 252 22.07 31.57 29.22
CA ASP A 252 22.47 30.43 30.06
C ASP A 252 23.17 29.28 29.33
N LYS A 253 23.43 29.49 28.03
CA LYS A 253 24.06 28.52 27.15
C LYS A 253 23.16 27.44 26.58
N ARG A 254 21.89 27.46 26.99
CA ARG A 254 20.91 26.55 26.44
C ARG A 254 20.48 27.11 25.10
N ILE A 255 19.84 26.25 24.32
CA ILE A 255 19.19 26.70 23.10
C ILE A 255 17.67 26.51 23.21
N VAL A 256 16.92 27.41 22.58
CA VAL A 256 15.45 27.32 22.56
C VAL A 256 15.00 27.43 21.11
N PHE A 257 14.04 26.58 20.73
CA PHE A 257 13.55 26.53 19.34
C PHE A 257 12.29 27.35 19.19
N VAL A 258 12.08 27.84 17.96
CA VAL A 258 10.81 28.46 17.57
C VAL A 258 10.45 27.79 16.23
N ILE A 259 9.46 26.91 16.26
CA ILE A 259 9.24 25.90 15.23
C ILE A 259 7.86 26.15 14.62
N PRO A 260 7.79 26.30 13.28
CA PRO A 260 6.45 26.47 12.67
C PRO A 260 5.65 25.18 12.86
N TRP A 261 4.36 25.28 13.14
CA TRP A 261 3.57 24.09 13.49
C TRP A 261 2.20 24.19 12.83
N MET A 262 1.93 23.23 11.95
CA MET A 262 0.60 23.09 11.36
C MET A 262 0.15 24.32 10.58
N ASP A 263 1.09 24.97 9.93
CA ASP A 263 0.77 26.17 9.10
C ASP A 263 0.23 27.41 9.84
N GLU A 264 -0.19 27.28 11.10
CA GLU A 264 -1.02 28.28 11.77
C GLU A 264 -0.35 28.76 13.09
N PHE A 265 0.55 27.94 13.60
CA PHE A 265 1.09 28.19 14.95
C PHE A 265 2.63 28.22 14.93
N SER A 266 3.23 28.60 16.06
CA SER A 266 4.65 28.35 16.34
C SER A 266 4.75 27.67 17.72
N ILE A 267 5.57 26.64 17.80
CA ILE A 267 5.91 26.06 19.11
C ILE A 267 7.22 26.69 19.56
N ILE A 268 7.25 27.11 20.84
CA ILE A 268 8.50 27.59 21.43
C ILE A 268 8.86 26.74 22.65
N GLY A 269 10.05 26.18 22.62
CA GLY A 269 10.52 25.36 23.77
C GLY A 269 11.93 24.87 23.50
N THR A 270 12.63 24.46 24.56
CA THR A 270 11.97 23.97 25.76
C THR A 270 12.84 24.38 26.99
N THR A 271 12.60 23.75 28.14
CA THR A 271 13.20 24.16 29.40
C THR A 271 13.80 22.89 30.01
N ASP A 272 14.53 23.03 31.13
CA ASP A 272 15.30 21.89 31.72
C ASP A 272 15.11 22.17 33.22
N VAL A 273 14.13 21.51 33.84
CA VAL A 273 13.74 21.77 35.23
C VAL A 273 13.73 20.43 36.00
N GLU A 274 14.57 20.32 37.04
CA GLU A 274 14.56 19.07 37.79
C GLU A 274 13.19 18.87 38.41
N TYR A 275 12.66 17.65 38.32
CA TYR A 275 11.26 17.43 38.65
C TYR A 275 11.20 16.25 39.61
N LYS A 276 10.33 16.33 40.58
CA LYS A 276 10.17 15.23 41.53
C LYS A 276 8.69 15.05 41.72
N GLY A 277 8.22 13.82 41.62
CA GLY A 277 6.81 13.55 41.85
C GLY A 277 6.26 12.74 40.71
N ASP A 278 4.94 12.83 40.54
CA ASP A 278 4.21 11.97 39.64
C ASP A 278 4.41 12.50 38.21
N PRO A 279 5.01 11.69 37.32
CA PRO A 279 5.12 12.11 35.93
C PRO A 279 3.78 12.47 35.26
N LYS A 280 2.67 11.92 35.74
CA LYS A 280 1.39 12.31 35.15
C LYS A 280 0.92 13.72 35.49
N ALA A 281 1.51 14.31 36.52
CA ALA A 281 1.03 15.60 37.03
C ALA A 281 1.80 16.75 36.39
N VAL A 282 2.70 16.44 35.46
CA VAL A 282 3.67 17.45 35.01
C VAL A 282 2.93 18.57 34.27
N LYS A 283 3.27 19.82 34.56
CA LYS A 283 2.67 20.91 33.77
C LYS A 283 3.57 22.13 33.84
N ILE A 284 3.40 23.03 32.88
CA ILE A 284 4.28 24.19 32.81
C ILE A 284 4.09 25.15 34.01
N GLU A 285 5.17 25.83 34.42
CA GLU A 285 5.08 26.74 35.55
C GLU A 285 5.39 28.16 35.06
N GLU A 286 5.05 29.13 35.90
CA GLU A 286 5.20 30.52 35.48
C GLU A 286 6.62 30.84 35.01
N SER A 287 7.63 30.37 35.74
CA SER A 287 8.99 30.76 35.36
C SER A 287 9.43 30.17 34.03
N GLU A 288 8.83 29.05 33.65
CA GLU A 288 9.11 28.49 32.32
C GLU A 288 8.52 29.40 31.22
N ILE A 289 7.28 29.82 31.42
CA ILE A 289 6.62 30.79 30.52
C ILE A 289 7.50 32.04 30.40
N ASN A 290 7.92 32.57 31.54
CA ASN A 290 8.77 33.80 31.51
C ASN A 290 10.09 33.56 30.78
N TYR A 291 10.67 32.39 31.00
CA TYR A 291 11.95 32.04 30.38
C TYR A 291 11.81 31.97 28.87
N LEU A 292 10.83 31.20 28.41
CA LEU A 292 10.63 31.02 26.97
C LEU A 292 10.24 32.34 26.25
N LEU A 293 9.34 33.11 26.84
CA LEU A 293 8.97 34.42 26.24
C LEU A 293 10.19 35.33 26.23
N ASN A 294 10.98 35.32 27.29
CA ASN A 294 12.23 36.12 27.24
C ASN A 294 13.14 35.87 26.03
N VAL A 295 13.57 34.63 25.84
CA VAL A 295 14.54 34.31 24.80
C VAL A 295 13.94 34.57 23.42
N TYR A 296 12.63 34.39 23.29
CA TYR A 296 11.93 34.78 22.04
C TYR A 296 11.97 36.34 21.89
N ASN A 297 11.50 37.05 22.91
CA ASN A 297 11.31 38.51 22.83
C ASN A 297 12.63 39.25 22.69
N THR A 298 13.71 38.66 23.19
CA THR A 298 15.04 39.24 23.01
C THR A 298 15.56 39.19 21.58
N HIS A 299 15.06 38.23 20.79
CA HIS A 299 15.53 38.00 19.43
C HIS A 299 14.62 38.63 18.40
N PHE A 300 13.31 38.52 18.59
CA PHE A 300 12.34 38.90 17.52
C PHE A 300 11.71 40.28 17.67
N LYS A 301 11.46 40.98 16.55
CA LYS A 301 10.76 42.24 16.61
C LYS A 301 9.34 42.22 17.16
N LYS A 302 8.54 41.28 16.64
CA LYS A 302 7.15 41.13 17.01
C LYS A 302 7.08 40.50 18.40
N GLN A 303 6.74 41.30 19.40
CA GLN A 303 6.74 40.84 20.79
C GLN A 303 5.54 39.96 21.07
N LEU A 304 5.77 38.97 21.93
CA LEU A 304 4.68 38.13 22.48
C LEU A 304 4.45 38.40 23.97
N SER A 305 3.21 38.31 24.42
CA SER A 305 2.94 38.29 25.86
C SER A 305 2.27 36.96 26.24
N ARG A 306 2.02 36.82 27.52
CA ARG A 306 1.43 35.62 28.10
C ARG A 306 0.06 35.43 27.46
N ASP A 307 -0.64 36.53 27.19
CA ASP A 307 -1.98 36.48 26.58
C ASP A 307 -2.05 35.88 25.16
N ASP A 308 -0.93 35.83 24.45
CA ASP A 308 -0.88 35.30 23.12
C ASP A 308 -0.84 33.77 23.13
N ILE A 309 -0.47 33.19 24.27
CA ILE A 309 -0.32 31.71 24.33
C ILE A 309 -1.69 31.06 24.19
N VAL A 310 -1.80 30.07 23.29
CA VAL A 310 -3.06 29.38 23.04
C VAL A 310 -3.06 27.91 23.50
N TRP A 311 -1.88 27.36 23.77
CA TRP A 311 -1.81 26.04 24.38
C TRP A 311 -0.41 25.88 24.99
N THR A 312 -0.26 24.93 25.91
CA THR A 312 1.09 24.56 26.40
C THR A 312 1.10 23.03 26.56
N TYR A 313 2.30 22.47 26.68
CA TYR A 313 2.39 21.07 27.07
C TYR A 313 3.74 20.83 27.72
N SER A 314 3.84 19.71 28.45
CA SER A 314 4.99 19.51 29.28
C SER A 314 5.20 18.00 29.41
N GLY A 315 6.44 17.61 29.66
CA GLY A 315 6.71 16.17 29.92
C GLY A 315 7.98 16.07 30.73
N VAL A 316 8.33 14.85 31.15
CA VAL A 316 9.60 14.66 31.88
C VAL A 316 10.54 13.68 31.17
N ARG A 317 11.73 14.16 30.79
CA ARG A 317 12.74 13.28 30.17
C ARG A 317 13.18 12.29 31.22
N PRO A 318 13.04 11.00 30.90
CA PRO A 318 13.52 10.11 31.95
C PRO A 318 15.02 10.28 32.37
N LEU A 319 15.89 10.43 31.38
CA LEU A 319 17.35 10.53 31.48
C LEU A 319 18.08 9.57 32.42
N CYS A 320 18.93 8.72 31.83
CA CYS A 320 19.85 7.94 32.65
C CYS A 320 20.62 8.89 33.55
N ASP A 321 20.62 8.60 34.85
CA ASP A 321 21.30 9.46 35.83
C ASP A 321 22.84 9.37 35.79
N ASP A 322 23.47 10.20 34.97
CA ASP A 322 24.94 10.25 34.90
C ASP A 322 25.56 11.20 35.93
N GLU A 323 24.74 11.63 36.89
CA GLU A 323 25.17 12.37 38.06
C GLU A 323 25.61 13.80 37.78
N SER A 324 25.38 14.27 36.55
CA SER A 324 25.63 15.66 36.19
C SER A 324 24.90 16.59 37.15
N ASP A 325 25.56 17.68 37.53
CA ASP A 325 24.95 18.67 38.41
C ASP A 325 23.88 19.48 37.69
N SER A 326 24.05 19.68 36.39
CA SER A 326 23.20 20.57 35.61
C SER A 326 22.28 19.77 34.69
N PRO A 327 20.95 19.99 34.79
CA PRO A 327 20.03 19.22 33.95
C PRO A 327 20.35 19.30 32.47
N GLN A 328 20.61 20.51 31.96
CA GLN A 328 21.00 20.68 30.55
C GLN A 328 22.28 19.91 30.17
N ALA A 329 23.08 19.52 31.15
CA ALA A 329 24.30 18.72 30.87
C ALA A 329 24.20 17.20 31.02
N ILE A 330 23.06 16.69 31.51
CA ILE A 330 22.87 15.25 31.66
C ILE A 330 22.81 14.61 30.27
N THR A 331 23.52 13.49 30.08
CA THR A 331 23.56 12.87 28.76
C THR A 331 22.14 12.60 28.25
N ARG A 332 21.98 12.69 26.94
CA ARG A 332 20.72 12.31 26.29
C ARG A 332 20.83 10.96 25.59
N ASP A 333 22.00 10.33 25.69
CA ASP A 333 22.24 9.01 25.11
C ASP A 333 21.51 7.92 25.95
N TYR A 334 21.08 6.85 25.29
CA TYR A 334 20.42 5.74 26.01
C TYR A 334 21.39 4.72 26.61
N THR A 335 20.91 3.97 27.60
CA THR A 335 21.60 2.78 28.11
C THR A 335 20.60 1.64 28.22
N LEU A 336 20.93 0.50 27.61
CA LEU A 336 20.12 -0.70 27.81
C LEU A 336 20.79 -1.58 28.85
N ASP A 337 20.00 -2.15 29.74
CA ASP A 337 20.52 -3.13 30.68
C ASP A 337 19.81 -4.46 30.49
N ILE A 338 20.56 -5.55 30.43
CA ILE A 338 19.90 -6.86 30.34
C ILE A 338 20.49 -7.78 31.40
N HIS A 339 19.62 -8.54 32.05
CA HIS A 339 20.03 -9.54 33.05
C HIS A 339 19.14 -10.77 32.87
N ASP A 340 19.70 -11.96 33.04
CA ASP A 340 18.85 -13.16 33.15
C ASP A 340 19.03 -13.85 34.51
N GLU A 341 18.23 -14.88 34.75
CA GLU A 341 18.41 -15.73 35.92
C GLU A 341 18.65 -17.16 35.44
N ASN A 342 19.86 -17.68 35.68
CA ASN A 342 20.14 -19.09 35.34
C ASN A 342 19.96 -19.26 33.82
N GLY A 343 20.28 -18.20 33.07
CA GLY A 343 20.35 -18.28 31.61
C GLY A 343 19.03 -18.12 30.87
N LYS A 344 17.96 -17.88 31.63
CA LYS A 344 16.61 -17.80 31.12
C LYS A 344 15.93 -16.50 31.57
N ALA A 345 14.81 -16.19 30.94
CA ALA A 345 13.93 -15.12 31.42
C ALA A 345 14.69 -13.80 31.50
N PRO A 346 15.27 -13.37 30.37
CA PRO A 346 15.97 -12.06 30.39
C PRO A 346 15.01 -10.91 30.67
N LEU A 347 15.47 -9.95 31.46
CA LEU A 347 14.86 -8.61 31.56
C LEU A 347 15.73 -7.59 30.86
N LEU A 348 15.17 -6.88 29.86
CA LEU A 348 15.88 -5.79 29.21
C LEU A 348 15.18 -4.47 29.59
N SER A 349 15.92 -3.52 30.16
CA SER A 349 15.31 -2.30 30.70
C SER A 349 15.89 -1.12 29.93
N VAL A 350 15.05 -0.14 29.65
CA VAL A 350 15.48 0.96 28.79
C VAL A 350 15.68 2.21 29.65
N PHE A 351 16.87 2.83 29.57
CA PHE A 351 17.15 4.06 30.28
C PHE A 351 17.48 5.19 29.31
N GLY A 352 16.60 6.18 29.29
CA GLY A 352 16.73 7.28 28.33
C GLY A 352 16.28 6.86 26.94
N GLY A 353 16.73 7.60 25.94
CA GLY A 353 16.44 7.19 24.58
C GLY A 353 15.54 8.20 23.91
N LYS A 354 16.17 9.08 23.12
CA LYS A 354 15.50 10.15 22.38
C LYS A 354 14.55 9.51 21.37
N LEU A 355 13.53 10.26 20.95
CA LEU A 355 12.71 9.85 19.83
C LEU A 355 13.57 9.50 18.61
N THR A 356 14.61 10.30 18.40
CA THR A 356 15.45 10.26 17.20
C THR A 356 16.14 8.92 17.03
N THR A 357 16.50 8.32 18.17
CA THR A 357 17.31 7.09 18.19
C THR A 357 16.53 5.81 18.45
N TYR A 358 15.19 5.89 18.46
CA TYR A 358 14.38 4.74 18.90
C TYR A 358 14.64 3.47 18.05
N ARG A 359 14.81 3.64 16.74
CA ARG A 359 14.91 2.47 15.89
C ARG A 359 16.24 1.73 16.18
N LYS A 360 17.29 2.53 16.36
CA LYS A 360 18.60 1.97 16.69
C LYS A 360 18.55 1.32 18.05
N LEU A 361 17.93 2.03 19.00
CA LEU A 361 17.77 1.50 20.34
C LEU A 361 17.08 0.14 20.28
N ALA A 362 15.96 0.06 19.56
CA ALA A 362 15.21 -1.18 19.41
C ALA A 362 16.06 -2.28 18.80
N GLU A 363 16.81 -1.95 17.75
CA GLU A 363 17.64 -3.00 17.13
C GLU A 363 18.73 -3.52 18.06
N HIS A 364 19.36 -2.62 18.81
CA HIS A 364 20.29 -2.93 19.90
C HIS A 364 19.68 -3.81 21.00
N ALA A 365 18.46 -3.47 21.46
CA ALA A 365 17.67 -4.33 22.34
C ALA A 365 17.48 -5.77 21.83
N LEU A 366 17.10 -5.90 20.56
CA LEU A 366 16.82 -7.21 20.02
C LEU A 366 18.14 -7.99 19.82
N GLU A 367 19.21 -7.26 19.59
CA GLU A 367 20.54 -7.88 19.49
C GLU A 367 20.92 -8.51 20.82
N LYS A 368 20.71 -7.76 21.91
CA LYS A 368 20.94 -8.25 23.26
C LYS A 368 20.02 -9.42 23.61
N LEU A 369 18.79 -9.41 23.10
CA LEU A 369 17.82 -10.46 23.41
C LEU A 369 18.06 -11.74 22.59
N THR A 370 18.84 -11.62 21.53
CA THR A 370 18.92 -12.67 20.51
C THR A 370 19.37 -14.04 21.08
N PRO A 371 20.39 -14.05 21.94
CA PRO A 371 20.86 -15.34 22.47
C PRO A 371 19.75 -16.19 23.10
N TYR A 372 18.64 -15.56 23.50
CA TYR A 372 17.58 -16.24 24.25
C TYR A 372 16.47 -16.84 23.38
N TYR A 373 16.57 -16.61 22.07
CA TYR A 373 15.53 -17.01 21.12
C TYR A 373 16.11 -17.76 19.93
N GLN A 374 16.08 -19.08 20.01
CA GLN A 374 16.57 -19.92 18.91
C GLN A 374 15.80 -19.64 17.64
N GLY A 375 16.52 -19.32 16.57
CA GLY A 375 15.87 -19.17 15.26
C GLY A 375 15.15 -17.83 15.11
N ILE A 376 15.55 -16.86 15.93
CA ILE A 376 15.01 -15.51 15.79
C ILE A 376 15.54 -14.90 14.51
N GLY A 377 14.70 -14.11 13.85
CA GLY A 377 15.08 -13.44 12.62
C GLY A 377 16.10 -12.35 12.82
N PRO A 378 16.75 -11.94 11.73
CA PRO A 378 17.79 -10.91 11.70
C PRO A 378 17.18 -9.50 11.82
N ALA A 379 18.04 -8.53 12.14
CA ALA A 379 17.76 -7.10 11.95
C ALA A 379 17.09 -6.79 10.61
N TRP A 380 16.13 -5.88 10.60
CA TRP A 380 15.30 -5.69 9.42
C TRP A 380 14.69 -4.29 9.25
N THR A 381 14.55 -3.53 10.34
CA THR A 381 13.72 -2.32 10.23
C THR A 381 14.30 -1.20 9.36
N LYS A 382 15.60 -1.20 9.13
CA LYS A 382 16.20 -0.10 8.38
C LYS A 382 15.64 -0.05 6.96
N GLU A 383 15.28 -1.23 6.46
CA GLU A 383 14.67 -1.35 5.13
C GLU A 383 13.14 -1.23 5.11
N SER A 384 12.52 -1.08 6.26
CA SER A 384 11.06 -1.17 6.31
C SER A 384 10.38 0.15 5.99
N VAL A 385 9.10 0.08 5.68
CA VAL A 385 8.30 1.29 5.60
C VAL A 385 7.15 1.15 6.57
N LEU A 386 7.06 2.05 7.55
CA LEU A 386 6.05 1.93 8.57
C LEU A 386 4.64 2.05 7.97
N PRO A 387 3.61 1.50 8.64
CA PRO A 387 2.23 1.68 8.24
C PRO A 387 1.88 3.15 8.05
N GLY A 388 1.29 3.45 6.89
CA GLY A 388 1.01 4.85 6.50
C GLY A 388 2.09 5.46 5.63
N GLY A 389 3.27 4.88 5.62
CA GLY A 389 4.37 5.46 4.91
C GLY A 389 4.55 5.19 3.42
N ALA A 390 3.65 4.41 2.86
CA ALA A 390 3.80 3.97 1.49
C ALA A 390 3.24 4.94 0.50
N ILE A 391 3.72 6.16 0.55
CA ILE A 391 3.36 7.25 -0.34
C ILE A 391 4.56 7.55 -1.28
N GLU A 392 4.82 8.83 -1.55
CA GLU A 392 6.10 9.26 -2.23
C GLU A 392 6.39 10.78 -2.39
N GLY A 393 6.46 11.50 -1.28
CA GLY A 393 6.39 12.96 -1.25
C GLY A 393 5.06 13.33 -0.63
N ASP A 394 5.07 14.03 0.49
CA ASP A 394 3.81 14.25 1.23
C ASP A 394 2.77 15.13 0.51
N ARG A 395 3.29 16.23 -0.02
CA ARG A 395 2.57 17.32 -0.67
C ARG A 395 1.92 16.84 -1.97
N ASP A 396 2.70 16.43 -2.97
CA ASP A 396 4.17 16.38 -3.01
C ASP A 396 4.69 15.02 -3.51
N ASP A 397 3.79 14.29 -4.16
CA ASP A 397 2.45 14.80 -4.30
C ASP A 397 1.32 14.03 -3.67
N TYR A 398 1.48 13.52 -2.44
CA TYR A 398 0.47 12.58 -1.97
C TYR A 398 -0.90 13.20 -1.77
N ALA A 399 -0.95 14.37 -1.14
CA ALA A 399 -2.22 15.05 -0.96
C ALA A 399 -2.86 15.37 -2.31
N ALA A 400 -2.03 15.79 -3.28
CA ALA A 400 -2.54 16.09 -4.64
C ALA A 400 -3.08 14.79 -5.25
N ARG A 401 -2.29 13.72 -5.13
CA ARG A 401 -2.73 12.39 -5.55
C ARG A 401 -4.06 11.96 -4.89
N LEU A 402 -4.20 12.14 -3.57
CA LEU A 402 -5.48 11.86 -2.92
C LEU A 402 -6.66 12.62 -3.51
N ARG A 403 -6.50 13.93 -3.68
CA ARG A 403 -7.60 14.76 -4.15
C ARG A 403 -7.93 14.33 -5.60
N ARG A 404 -6.94 13.85 -6.33
CA ARG A 404 -7.21 13.30 -7.67
C ARG A 404 -8.07 12.05 -7.63
N ARG A 405 -7.80 11.16 -6.67
CA ARG A 405 -8.61 9.95 -6.47
C ARG A 405 -9.97 10.25 -5.84
N TYR A 406 -10.02 11.20 -4.92
CA TYR A 406 -11.21 11.41 -4.12
C TYR A 406 -11.57 12.87 -4.32
N PRO A 407 -12.18 13.22 -5.45
CA PRO A 407 -12.33 14.65 -5.75
C PRO A 407 -13.23 15.45 -4.82
N PHE A 408 -14.10 14.79 -4.05
CA PHE A 408 -14.88 15.46 -3.01
C PHE A 408 -14.07 16.03 -1.82
N LEU A 409 -12.82 15.63 -1.68
CA LEU A 409 -11.92 16.19 -0.64
C LEU A 409 -11.58 17.65 -0.94
N THR A 410 -11.76 18.53 0.04
CA THR A 410 -11.08 19.83 0.02
C THR A 410 -9.57 19.74 0.03
N GLU A 411 -8.94 20.84 -0.35
CA GLU A 411 -7.48 20.91 -0.34
C GLU A 411 -7.02 20.73 1.11
N SER A 412 -7.76 21.30 2.05
CA SER A 412 -7.33 21.27 3.47
C SER A 412 -7.48 19.83 4.00
N LEU A 413 -8.62 19.20 3.71
CA LEU A 413 -8.86 17.84 4.23
C LEU A 413 -7.91 16.84 3.59
N ALA A 414 -7.69 16.97 2.28
CA ALA A 414 -6.71 16.12 1.65
C ALA A 414 -5.32 16.28 2.25
N ARG A 415 -4.96 17.51 2.62
CA ARG A 415 -3.65 17.76 3.23
C ARG A 415 -3.58 17.09 4.61
N HIS A 416 -4.69 17.18 5.35
CA HIS A 416 -4.73 16.59 6.72
C HIS A 416 -4.60 15.08 6.65
N TYR A 417 -5.36 14.44 5.75
CA TYR A 417 -5.26 12.98 5.61
C TYR A 417 -3.89 12.52 5.14
N ALA A 418 -3.30 13.22 4.18
CA ALA A 418 -1.99 12.82 3.70
C ALA A 418 -0.92 12.89 4.80
N ARG A 419 -0.98 13.96 5.59
CA ARG A 419 0.03 14.21 6.62
C ARG A 419 -0.23 13.49 7.94
N THR A 420 -1.40 12.86 8.05
CA THR A 420 -1.77 12.14 9.26
C THR A 420 -1.74 10.64 8.94
N TYR A 421 -2.66 10.23 8.06
CA TYR A 421 -2.81 8.79 7.75
C TYR A 421 -1.92 8.25 6.63
N GLY A 422 -1.49 9.13 5.73
CA GLY A 422 -0.59 8.73 4.68
C GLY A 422 -1.30 7.69 3.83
N SER A 423 -0.62 6.59 3.58
CA SER A 423 -1.16 5.51 2.73
C SER A 423 -2.30 4.73 3.33
N ASN A 424 -2.59 4.93 4.62
CA ASN A 424 -3.82 4.39 5.22
C ASN A 424 -5.07 5.25 4.96
N SER A 425 -4.91 6.37 4.25
CA SER A 425 -6.08 7.21 3.99
C SER A 425 -7.16 6.43 3.25
N GLU A 426 -6.76 5.53 2.35
CA GLU A 426 -7.78 4.78 1.63
C GLU A 426 -8.63 3.84 2.49
N LEU A 427 -8.05 3.33 3.56
CA LEU A 427 -8.80 2.54 4.57
C LEU A 427 -9.77 3.41 5.35
N LEU A 428 -9.35 4.63 5.66
CA LEU A 428 -10.23 5.55 6.31
C LEU A 428 -11.42 5.89 5.43
N LEU A 429 -11.15 6.18 4.16
CA LEU A 429 -12.17 6.77 3.30
C LEU A 429 -13.09 5.67 2.78
N GLY A 430 -12.63 4.41 2.84
CA GLY A 430 -13.50 3.26 2.55
C GLY A 430 -14.28 3.47 1.27
N ASN A 431 -15.60 3.30 1.34
CA ASN A 431 -16.44 3.49 0.13
C ASN A 431 -17.06 4.89 -0.04
N ALA A 432 -16.53 5.88 0.66
CA ALA A 432 -17.05 7.26 0.53
C ALA A 432 -16.88 7.84 -0.88
N GLY A 433 -17.89 8.52 -1.40
CA GLY A 433 -17.68 9.28 -2.64
C GLY A 433 -18.24 10.68 -2.66
N THR A 434 -18.67 11.16 -1.49
CA THR A 434 -19.00 12.57 -1.33
C THR A 434 -18.63 12.99 0.09
N VAL A 435 -18.70 14.29 0.35
CA VAL A 435 -18.57 14.79 1.72
C VAL A 435 -19.60 14.19 2.68
N SER A 436 -20.84 14.00 2.26
CA SER A 436 -21.84 13.53 3.22
C SER A 436 -21.62 12.08 3.66
N ASP A 437 -20.93 11.32 2.81
CA ASP A 437 -20.55 9.93 3.09
C ASP A 437 -19.56 9.86 4.26
N LEU A 438 -18.93 10.98 4.56
CA LEU A 438 -18.05 11.08 5.76
C LEU A 438 -18.79 11.13 7.11
N GLY A 439 -20.11 11.38 7.07
CA GLY A 439 -20.96 11.33 8.26
C GLY A 439 -20.79 12.58 9.11
N GLU A 440 -21.04 12.46 10.41
CA GLU A 440 -21.17 13.65 11.24
C GLU A 440 -19.92 14.53 11.22
N ASP A 441 -20.12 15.83 11.06
CA ASP A 441 -19.06 16.81 11.15
C ASP A 441 -18.93 17.30 12.61
N PHE A 442 -17.79 16.97 13.22
CA PHE A 442 -17.55 17.31 14.62
C PHE A 442 -16.90 18.70 14.72
N GLY A 443 -16.54 19.27 13.58
CA GLY A 443 -15.84 20.53 13.54
C GLY A 443 -14.50 20.48 12.82
N HIS A 444 -14.14 21.56 12.12
CA HIS A 444 -12.81 21.68 11.51
C HIS A 444 -12.51 20.43 10.63
N GLU A 445 -13.53 19.99 9.91
CA GLU A 445 -13.43 18.86 8.96
C GLU A 445 -12.92 17.59 9.64
N PHE A 446 -13.27 17.47 10.90
CA PHE A 446 -13.06 16.21 11.65
C PHE A 446 -14.38 15.45 11.62
N TYR A 447 -14.47 14.49 10.69
CA TYR A 447 -15.70 13.78 10.45
C TYR A 447 -15.78 12.43 11.15
N GLU A 448 -17.01 11.95 11.30
CA GLU A 448 -17.28 10.61 11.78
C GLU A 448 -16.42 9.53 11.10
N ALA A 449 -16.23 9.59 9.78
CA ALA A 449 -15.42 8.57 9.09
C ALA A 449 -14.01 8.48 9.70
N GLU A 450 -13.46 9.63 10.07
CA GLU A 450 -12.12 9.70 10.68
C GLU A 450 -12.12 9.15 12.10
N LEU A 451 -13.08 9.60 12.89
CA LEU A 451 -13.17 9.17 14.30
C LEU A 451 -13.42 7.67 14.41
N LYS A 452 -14.27 7.14 13.53
CA LYS A 452 -14.51 5.68 13.47
C LYS A 452 -13.25 4.93 13.10
N TYR A 453 -12.55 5.42 12.09
CA TYR A 453 -11.29 4.83 11.68
C TYR A 453 -10.32 4.80 12.86
N LEU A 454 -10.29 5.89 13.62
CA LEU A 454 -9.34 5.99 14.74
C LEU A 454 -9.65 4.95 15.81
N VAL A 455 -10.94 4.75 16.09
CA VAL A 455 -11.32 3.72 17.07
C VAL A 455 -10.99 2.33 16.52
N ASP A 456 -11.36 2.09 15.26
CA ASP A 456 -11.19 0.75 14.66
C ASP A 456 -9.72 0.32 14.44
N HIS A 457 -8.85 1.26 14.08
CA HIS A 457 -7.51 0.96 13.63
C HIS A 457 -6.36 1.63 14.41
N GLU A 458 -6.70 2.54 15.30
CA GLU A 458 -5.70 3.37 15.98
C GLU A 458 -5.89 3.39 17.48
N TRP A 459 -6.59 2.38 18.01
CA TRP A 459 -6.74 2.22 19.46
C TRP A 459 -7.37 3.40 20.21
N VAL A 460 -8.08 4.31 19.53
CA VAL A 460 -8.67 5.42 20.23
C VAL A 460 -9.79 4.96 21.14
N ARG A 461 -9.77 5.39 22.39
CA ARG A 461 -10.77 5.04 23.39
C ARG A 461 -11.47 6.26 23.99
N ARG A 462 -10.74 7.38 24.09
CA ARG A 462 -11.22 8.58 24.76
C ARG A 462 -10.93 9.76 23.81
N ALA A 463 -11.63 10.87 24.04
CA ALA A 463 -11.55 11.99 23.09
C ALA A 463 -10.10 12.51 22.99
N ASP A 464 -9.41 12.59 24.13
CA ASP A 464 -8.02 13.07 24.11
C ASP A 464 -7.09 12.24 23.23
N ASP A 465 -7.30 10.92 23.17
CA ASP A 465 -6.52 10.05 22.28
C ASP A 465 -6.66 10.53 20.83
N ALA A 466 -7.89 10.86 20.44
CA ALA A 466 -8.17 11.23 19.03
C ALA A 466 -7.74 12.68 18.73
N LEU A 467 -7.93 13.58 19.70
CA LEU A 467 -7.85 15.03 19.43
C LEU A 467 -6.49 15.62 19.77
N TRP A 468 -5.71 14.88 20.57
CA TRP A 468 -4.40 15.35 21.02
C TRP A 468 -3.20 14.45 20.75
N ARG A 469 -3.44 13.18 20.48
CA ARG A 469 -2.35 12.27 20.13
C ARG A 469 -2.44 11.75 18.69
N ARG A 470 -3.55 11.12 18.32
CA ARG A 470 -3.74 10.67 16.94
C ARG A 470 -3.69 11.86 16.00
N THR A 471 -4.30 12.96 16.43
CA THR A 471 -4.30 14.24 15.66
C THR A 471 -4.01 15.37 16.61
N LYS A 472 -4.08 16.61 16.10
CA LYS A 472 -4.06 17.75 17.04
C LYS A 472 -5.28 18.65 16.78
N GLN A 473 -6.36 17.99 16.36
CA GLN A 473 -7.66 18.69 16.20
C GLN A 473 -8.19 19.38 17.47
N GLY A 474 -7.66 18.97 18.64
CA GLY A 474 -7.92 19.73 19.86
C GLY A 474 -7.53 21.21 19.78
N MET A 475 -6.60 21.56 18.89
CA MET A 475 -6.22 22.96 18.73
C MET A 475 -7.40 23.80 18.16
N TRP A 476 -8.36 23.16 17.51
CA TRP A 476 -9.46 23.88 16.84
C TRP A 476 -10.83 23.65 17.47
N LEU A 477 -11.10 22.44 17.96
CA LEU A 477 -12.45 22.11 18.43
C LEU A 477 -12.73 22.83 19.74
N ASN A 478 -13.91 23.44 19.84
CA ASN A 478 -14.28 24.08 21.08
C ASN A 478 -14.76 23.07 22.14
N ALA A 479 -15.07 23.53 23.35
CA ALA A 479 -15.36 22.62 24.45
C ALA A 479 -16.57 21.74 24.16
N ASP A 480 -17.61 22.35 23.59
CA ASP A 480 -18.83 21.65 23.21
C ASP A 480 -18.52 20.60 22.14
N GLN A 481 -17.68 20.94 21.17
CA GLN A 481 -17.35 19.99 20.12
C GLN A 481 -16.53 18.82 20.69
N GLN A 482 -15.66 19.11 21.64
CA GLN A 482 -14.84 18.06 22.26
C GLN A 482 -15.70 17.16 23.13
N SER A 483 -16.70 17.74 23.79
CA SER A 483 -17.61 16.85 24.51
C SER A 483 -18.54 16.02 23.63
N ARG A 484 -18.92 16.50 22.45
CA ARG A 484 -19.63 15.66 21.49
C ARG A 484 -18.76 14.49 20.99
N VAL A 485 -17.48 14.74 20.72
CA VAL A 485 -16.56 13.65 20.36
C VAL A 485 -16.57 12.60 21.48
N SER A 486 -16.54 13.04 22.74
CA SER A 486 -16.53 12.08 23.86
C SER A 486 -17.80 11.27 23.91
N GLN A 487 -18.92 11.94 23.68
CA GLN A 487 -20.22 11.29 23.64
C GLN A 487 -20.33 10.25 22.51
N TRP A 488 -19.90 10.62 21.30
CA TRP A 488 -19.87 9.67 20.19
C TRP A 488 -19.04 8.44 20.53
N LEU A 489 -17.92 8.64 21.21
CA LEU A 489 -17.03 7.50 21.56
C LEU A 489 -17.68 6.55 22.56
N VAL A 490 -18.30 7.12 23.60
CA VAL A 490 -19.05 6.31 24.56
C VAL A 490 -20.04 5.44 23.80
N GLU A 491 -20.80 6.04 22.89
CA GLU A 491 -21.80 5.32 22.11
C GLU A 491 -21.20 4.24 21.22
N TYR A 492 -20.25 4.62 20.39
CA TYR A 492 -19.64 3.66 19.47
C TYR A 492 -18.94 2.51 20.19
N THR A 493 -18.13 2.84 21.20
CA THR A 493 -17.28 1.87 21.88
C THR A 493 -17.98 1.07 22.98
N GLN A 494 -19.18 1.49 23.36
CA GLN A 494 -19.84 0.86 24.49
C GLN A 494 -20.52 -0.40 24.01
N GLN A 495 -21.27 -0.25 22.92
CA GLN A 495 -21.61 -1.37 22.06
C GLN A 495 -21.99 -0.94 20.65
N ARG A 496 -22.41 -1.92 19.85
CA ARG A 496 -22.25 -1.86 18.40
C ARG A 496 -20.82 -1.41 18.05
N LEU A 497 -19.86 -2.09 18.67
CA LEU A 497 -18.89 -2.91 17.94
C LEU A 497 -18.24 -3.88 18.92
N SER A 498 -17.81 -3.35 20.07
CA SER A 498 -17.84 -4.09 21.32
C SER A 498 -19.23 -4.64 21.56
N LEU A 499 -19.31 -5.90 21.97
CA LEU A 499 -20.11 -6.89 21.24
C LEU A 499 -21.30 -7.44 22.03
N ALA A 500 -21.03 -8.44 22.88
CA ALA A 500 -21.82 -9.66 22.93
C ALA A 500 -22.01 -10.20 21.51
N SER A 501 -20.91 -10.22 20.75
CA SER A 501 -20.92 -10.21 19.28
C SER A 501 -21.84 -9.19 18.61
N MET B 1 -14.09 19.99 -17.26
CA MET B 1 -14.90 20.83 -18.12
C MET B 1 -16.24 20.16 -18.46
N GLU B 2 -16.38 19.55 -19.61
CA GLU B 2 -17.52 18.69 -19.98
C GLU B 2 -16.86 18.05 -21.13
N THR B 3 -15.64 18.53 -21.27
CA THR B 3 -14.70 18.19 -22.34
C THR B 3 -13.50 17.41 -21.82
N LYS B 4 -13.58 16.10 -21.97
CA LYS B 4 -12.53 15.16 -21.59
C LYS B 4 -11.36 15.28 -22.56
N ASP B 5 -10.12 15.08 -22.09
CA ASP B 5 -8.99 14.94 -22.98
C ASP B 5 -9.18 13.74 -23.88
N LEU B 6 -9.50 12.60 -23.26
CA LEU B 6 -9.48 11.34 -24.03
C LEU B 6 -10.69 10.52 -23.58
N ILE B 7 -11.44 9.98 -24.53
CA ILE B 7 -12.44 8.97 -24.19
C ILE B 7 -12.01 7.66 -24.83
N VAL B 8 -12.12 6.58 -24.05
CA VAL B 8 -11.69 5.27 -24.51
C VAL B 8 -12.94 4.38 -24.51
N ILE B 9 -13.22 3.78 -25.65
CA ILE B 9 -14.43 2.99 -25.78
C ILE B 9 -14.01 1.53 -25.79
N GLY B 10 -14.38 0.84 -24.72
CA GLY B 10 -13.99 -0.56 -24.53
C GLY B 10 -13.29 -0.76 -23.20
N GLY B 11 -13.77 -1.74 -22.42
CA GLY B 11 -13.10 -2.05 -21.14
C GLY B 11 -12.65 -3.49 -21.02
N GLY B 12 -12.12 -4.02 -22.12
CA GLY B 12 -11.18 -5.12 -22.09
C GLY B 12 -9.78 -4.68 -21.72
N ILE B 13 -8.80 -5.56 -21.95
CA ILE B 13 -7.43 -5.28 -21.48
C ILE B 13 -6.89 -4.05 -22.22
N ASN B 14 -7.19 -3.96 -23.50
CA ASN B 14 -6.56 -2.92 -24.31
C ASN B 14 -7.13 -1.56 -23.98
N GLY B 15 -8.46 -1.47 -23.81
CA GLY B 15 -9.06 -0.17 -23.45
C GLY B 15 -8.61 0.21 -22.05
N ALA B 16 -8.61 -0.74 -21.12
CA ALA B 16 -8.31 -0.37 -19.73
C ALA B 16 -6.83 0.04 -19.62
N GLY B 17 -5.97 -0.63 -20.38
CA GLY B 17 -4.52 -0.37 -20.33
C GLY B 17 -4.20 0.97 -20.96
N ILE B 18 -4.90 1.27 -22.05
CA ILE B 18 -4.76 2.62 -22.65
C ILE B 18 -5.26 3.75 -21.74
N ALA B 19 -6.48 3.58 -21.21
CA ALA B 19 -7.04 4.53 -20.26
C ALA B 19 -6.08 4.78 -19.08
N ALA B 20 -5.55 3.71 -18.51
CA ALA B 20 -4.65 3.86 -17.33
C ALA B 20 -3.39 4.63 -17.68
N ASP B 21 -2.79 4.26 -18.79
CA ASP B 21 -1.51 4.88 -19.21
C ASP B 21 -1.83 6.37 -19.42
N ALA B 22 -2.86 6.66 -20.18
CA ALA B 22 -3.28 8.07 -20.41
C ALA B 22 -3.51 8.86 -19.13
N ALA B 23 -4.27 8.30 -18.20
CA ALA B 23 -4.58 9.00 -16.96
C ALA B 23 -3.30 9.29 -16.15
N GLY B 24 -2.32 8.40 -16.20
CA GLY B 24 -1.03 8.60 -15.52
C GLY B 24 -0.10 9.57 -16.24
N ARG B 25 -0.43 9.94 -17.46
CA ARG B 25 0.29 11.00 -18.17
C ARG B 25 -0.38 12.36 -18.02
N GLY B 26 -1.41 12.40 -17.18
CA GLY B 26 -2.11 13.62 -16.80
C GLY B 26 -3.28 14.00 -17.66
N LEU B 27 -3.69 13.11 -18.57
CA LEU B 27 -4.92 13.35 -19.32
C LEU B 27 -6.18 13.10 -18.51
N SER B 28 -7.19 13.94 -18.69
CA SER B 28 -8.50 13.60 -18.14
C SER B 28 -9.12 12.53 -19.04
N VAL B 29 -9.42 11.37 -18.43
CA VAL B 29 -9.79 10.18 -19.19
C VAL B 29 -11.15 9.68 -18.74
N LEU B 30 -11.95 9.23 -19.71
CA LEU B 30 -13.17 8.51 -19.43
C LEU B 30 -13.14 7.21 -20.25
N MET B 31 -13.31 6.10 -19.53
CA MET B 31 -13.38 4.80 -20.20
C MET B 31 -14.81 4.29 -20.10
N LEU B 32 -15.35 3.83 -21.21
CA LEU B 32 -16.73 3.34 -21.30
C LEU B 32 -16.74 1.84 -21.61
N GLU B 33 -17.51 1.10 -20.84
CA GLU B 33 -17.66 -0.33 -21.09
C GLU B 33 -19.13 -0.68 -21.19
N ALA B 34 -19.51 -1.29 -22.31
CA ALA B 34 -20.89 -1.54 -22.63
C ALA B 34 -21.56 -2.43 -21.60
N GLN B 35 -20.82 -3.43 -21.11
CA GLN B 35 -21.39 -4.34 -20.11
C GLN B 35 -20.51 -4.41 -18.87
N ASP B 36 -19.60 -5.39 -18.77
CA ASP B 36 -18.76 -5.44 -17.58
C ASP B 36 -17.29 -5.47 -17.99
N LEU B 37 -16.39 -5.02 -17.13
CA LEU B 37 -14.95 -5.10 -17.36
C LEU B 37 -14.61 -6.53 -17.75
N ALA B 38 -13.89 -6.67 -18.86
CA ALA B 38 -13.44 -7.96 -19.34
C ALA B 38 -14.54 -8.95 -19.75
N CYS B 39 -15.74 -8.46 -20.06
CA CYS B 39 -16.86 -9.35 -20.31
C CYS B 39 -16.70 -10.17 -21.58
N ALA B 40 -15.79 -9.77 -22.47
CA ALA B 40 -15.64 -10.45 -23.75
C ALA B 40 -14.27 -11.13 -23.82
N THR B 41 -13.47 -10.78 -24.82
CA THR B 41 -12.29 -11.59 -25.11
C THR B 41 -11.33 -11.69 -23.92
N SER B 42 -11.25 -10.62 -23.12
CA SER B 42 -10.24 -10.51 -22.08
C SER B 42 -10.53 -11.41 -20.88
N SER B 43 -11.70 -12.05 -20.86
CA SER B 43 -11.91 -13.08 -19.85
C SER B 43 -11.92 -14.50 -20.46
N ALA B 44 -11.70 -14.61 -21.77
CA ALA B 44 -11.85 -15.90 -22.49
C ALA B 44 -10.52 -16.47 -22.95
N SER B 45 -9.41 -15.96 -22.41
CA SER B 45 -8.07 -16.29 -22.92
C SER B 45 -7.60 -17.60 -22.26
N SER B 46 -6.42 -18.07 -22.65
CA SER B 46 -5.78 -19.22 -21.98
C SER B 46 -5.02 -18.72 -20.73
N LYS B 47 -5.06 -17.42 -20.46
CA LYS B 47 -4.56 -16.85 -19.20
C LYS B 47 -3.00 -17.00 -19.07
N LEU B 48 -2.33 -16.87 -20.20
CA LEU B 48 -0.86 -16.96 -20.22
C LEU B 48 -0.25 -15.62 -20.60
N ILE B 49 0.86 -15.31 -19.93
CA ILE B 49 1.67 -14.18 -20.35
C ILE B 49 2.88 -14.85 -20.97
N HIS B 50 2.93 -14.89 -22.29
CA HIS B 50 3.89 -15.81 -22.90
C HIS B 50 5.16 -15.40 -23.64
N GLY B 51 5.04 -14.66 -24.73
CA GLY B 51 6.11 -14.79 -25.72
C GLY B 51 5.64 -15.47 -26.99
N GLY B 52 4.99 -16.62 -26.87
CA GLY B 52 4.34 -17.23 -28.01
C GLY B 52 5.26 -18.18 -28.76
N LEU B 53 5.66 -19.23 -28.05
CA LEU B 53 6.54 -20.27 -28.60
C LEU B 53 6.21 -20.58 -30.06
N ARG B 54 4.93 -20.86 -30.33
CA ARG B 54 4.54 -21.35 -31.65
C ARG B 54 4.66 -20.31 -32.77
N TYR B 55 4.80 -19.04 -32.40
CA TYR B 55 4.95 -17.96 -33.39
C TYR B 55 6.37 -17.88 -33.98
N LEU B 56 7.34 -18.50 -33.34
CA LEU B 56 8.68 -18.59 -33.91
C LEU B 56 8.74 -19.26 -35.29
N GLU B 57 7.98 -20.34 -35.43
CA GLU B 57 7.78 -21.04 -36.71
C GLU B 57 7.25 -20.12 -37.80
N HIS B 58 6.60 -19.03 -37.40
CA HIS B 58 6.04 -18.06 -38.34
C HIS B 58 6.94 -16.84 -38.51
N TYR B 59 8.04 -16.81 -37.76
CA TYR B 59 9.03 -15.73 -37.78
C TYR B 59 8.55 -14.39 -37.20
N GLU B 60 7.63 -14.46 -36.24
CA GLU B 60 7.14 -13.26 -35.60
C GLU B 60 8.05 -12.85 -34.43
N PHE B 61 9.30 -12.53 -34.77
CA PHE B 61 10.31 -12.15 -33.77
C PHE B 61 10.00 -10.84 -33.02
N ARG B 62 9.43 -9.85 -33.70
CA ARG B 62 9.12 -8.60 -33.04
C ARG B 62 8.10 -8.83 -31.92
N LEU B 63 7.04 -9.60 -32.23
CA LEU B 63 6.02 -9.94 -31.25
C LEU B 63 6.56 -10.77 -30.07
N VAL B 64 7.19 -11.90 -30.38
CA VAL B 64 7.76 -12.82 -29.39
C VAL B 64 8.83 -12.13 -28.53
N SER B 65 9.81 -11.51 -29.19
CA SER B 65 10.68 -10.53 -28.56
C SER B 65 9.93 -9.71 -27.49
N GLU B 66 8.97 -8.91 -27.93
CA GLU B 66 8.31 -7.96 -27.04
C GLU B 66 7.63 -8.73 -25.90
N ALA B 67 6.84 -9.73 -26.27
CA ALA B 67 6.02 -10.45 -25.32
C ALA B 67 6.91 -11.09 -24.26
N LEU B 68 8.04 -11.64 -24.70
CA LEU B 68 8.96 -12.29 -23.76
C LEU B 68 9.43 -11.33 -22.68
N ALA B 69 9.91 -10.15 -23.06
CA ALA B 69 10.54 -9.23 -22.10
C ALA B 69 9.50 -8.50 -21.23
N GLU B 70 8.30 -8.38 -21.76
CA GLU B 70 7.16 -7.92 -20.96
C GLU B 70 6.80 -8.85 -19.83
N ARG B 71 7.05 -10.15 -19.99
CA ARG B 71 6.70 -11.12 -18.95
C ARG B 71 7.24 -10.59 -17.63
N GLU B 72 8.52 -10.22 -17.62
CA GLU B 72 9.14 -9.81 -16.36
C GLU B 72 8.60 -8.48 -15.84
N VAL B 73 8.29 -7.55 -16.74
CA VAL B 73 7.57 -6.35 -16.37
C VAL B 73 6.21 -6.68 -15.72
N LEU B 74 5.38 -7.48 -16.38
CA LEU B 74 4.07 -7.82 -15.82
C LEU B 74 4.12 -8.56 -14.47
N LEU B 75 5.10 -9.46 -14.28
CA LEU B 75 5.28 -10.12 -12.97
C LEU B 75 5.53 -9.16 -11.80
N LYS B 76 6.27 -8.10 -12.09
CA LYS B 76 6.51 -7.03 -11.10
C LYS B 76 5.28 -6.15 -10.86
N MET B 77 4.53 -5.87 -11.92
CA MET B 77 3.39 -4.97 -11.85
C MET B 77 2.20 -5.58 -11.10
N ALA B 78 2.08 -6.91 -11.16
CA ALA B 78 0.86 -7.58 -10.66
C ALA B 78 1.21 -8.97 -10.11
N PRO B 79 2.09 -9.00 -9.11
CA PRO B 79 2.50 -10.28 -8.54
C PRO B 79 1.39 -11.01 -7.78
N HIS B 80 0.34 -10.31 -7.39
CA HIS B 80 -0.83 -10.99 -6.79
C HIS B 80 -1.56 -11.95 -7.74
N ILE B 81 -1.58 -11.61 -9.03
CA ILE B 81 -2.37 -12.38 -10.02
C ILE B 81 -1.57 -12.99 -11.16
N ALA B 82 -0.27 -12.67 -11.24
CA ALA B 82 0.59 -13.24 -12.26
C ALA B 82 1.80 -13.94 -11.61
N PHE B 83 2.17 -15.10 -12.13
CA PHE B 83 3.27 -15.86 -11.54
C PHE B 83 3.87 -16.83 -12.57
N PRO B 84 5.14 -17.19 -12.34
CA PRO B 84 5.86 -18.11 -13.20
C PRO B 84 5.20 -19.47 -13.20
N MET B 85 5.24 -20.10 -14.36
CA MET B 85 4.81 -21.47 -14.49
C MET B 85 5.80 -22.27 -15.36
N ARG B 86 5.90 -23.57 -15.11
CA ARG B 86 6.71 -24.41 -15.98
C ARG B 86 5.86 -25.18 -16.97
N PHE B 87 6.34 -25.21 -18.21
CA PHE B 87 5.65 -25.92 -19.29
C PHE B 87 6.45 -27.09 -19.81
N ARG B 88 5.79 -28.24 -19.90
CA ARG B 88 6.40 -29.47 -20.43
C ARG B 88 5.85 -29.75 -21.81
N LEU B 89 6.79 -29.91 -22.74
CA LEU B 89 6.52 -30.23 -24.13
C LEU B 89 6.93 -31.68 -24.41
N PRO B 90 5.97 -32.60 -24.57
CA PRO B 90 6.28 -33.97 -24.96
C PRO B 90 6.82 -34.08 -26.38
N HIS B 91 7.95 -34.76 -26.51
CA HIS B 91 8.63 -34.88 -27.78
C HIS B 91 7.87 -35.79 -28.76
N ARG B 92 7.59 -35.30 -29.95
CA ARG B 92 6.87 -36.07 -30.99
C ARG B 92 7.63 -35.90 -32.30
N PRO B 93 8.63 -36.79 -32.53
CA PRO B 93 9.57 -36.49 -33.60
C PRO B 93 8.98 -36.61 -35.01
N HIS B 94 7.84 -37.29 -35.16
CA HIS B 94 7.12 -37.27 -36.42
C HIS B 94 6.57 -35.89 -36.81
N LEU B 95 6.45 -34.99 -35.82
CA LEU B 95 5.90 -33.66 -36.06
C LEU B 95 7.01 -32.61 -36.08
N ARG B 96 7.82 -32.57 -35.03
CA ARG B 96 8.97 -31.68 -35.02
C ARG B 96 10.20 -32.44 -34.52
N PRO B 97 11.34 -32.25 -35.20
CA PRO B 97 12.47 -33.08 -34.82
C PRO B 97 13.19 -32.46 -33.62
N ALA B 98 13.76 -33.29 -32.75
CA ALA B 98 14.43 -32.80 -31.56
C ALA B 98 15.34 -31.59 -31.80
N TRP B 99 16.07 -31.57 -32.92
CA TRP B 99 17.04 -30.50 -33.18
C TRP B 99 16.40 -29.12 -33.32
N MET B 100 15.26 -29.07 -34.00
CA MET B 100 14.50 -27.86 -34.15
C MET B 100 14.01 -27.33 -32.78
N ILE B 101 13.51 -28.23 -31.93
CA ILE B 101 13.11 -27.84 -30.58
C ILE B 101 14.29 -27.33 -29.77
N ARG B 102 15.40 -28.05 -29.84
CA ARG B 102 16.60 -27.69 -29.08
C ARG B 102 17.03 -26.24 -29.32
N ILE B 103 16.75 -25.74 -30.52
CA ILE B 103 17.13 -24.37 -30.89
C ILE B 103 16.00 -23.38 -30.59
N GLY B 104 14.79 -23.71 -31.05
CA GLY B 104 13.61 -22.95 -30.65
C GLY B 104 13.67 -22.50 -29.21
N LEU B 105 14.20 -23.36 -28.34
CA LEU B 105 14.19 -23.12 -26.90
C LEU B 105 15.21 -22.04 -26.50
N PHE B 106 16.34 -21.99 -27.21
CA PHE B 106 17.35 -20.97 -26.92
C PHE B 106 16.93 -19.56 -27.35
N MET B 107 16.16 -19.47 -28.44
CA MET B 107 15.57 -18.20 -28.89
C MET B 107 14.59 -17.67 -27.83
N TYR B 108 13.72 -18.56 -27.37
CA TYR B 108 12.76 -18.28 -26.31
C TYR B 108 13.49 -17.94 -25.00
N ASP B 109 14.76 -18.34 -24.90
CA ASP B 109 15.57 -18.06 -23.72
C ASP B 109 16.32 -16.73 -23.80
N HIS B 110 16.65 -16.31 -25.02
CA HIS B 110 17.44 -15.08 -25.24
C HIS B 110 16.92 -14.30 -26.43
N LEU B 111 15.62 -14.09 -26.53
CA LEU B 111 15.07 -12.98 -27.31
C LEU B 111 14.54 -11.88 -26.40
N GLY B 112 14.50 -12.17 -25.10
CA GLY B 112 13.87 -11.31 -24.11
C GLY B 112 14.83 -10.59 -23.18
N LYS B 113 15.70 -11.34 -22.55
CA LYS B 113 16.61 -10.81 -21.54
C LYS B 113 16.49 -11.71 -20.30
N ARG B 114 15.28 -11.79 -19.76
CA ARG B 114 14.99 -12.64 -18.60
C ARG B 114 15.93 -12.33 -17.44
N THR B 115 15.36 -12.03 -16.27
CA THR B 115 16.18 -11.70 -15.12
C THR B 115 15.93 -12.70 -14.01
N SER B 116 14.88 -13.52 -14.17
CA SER B 116 14.41 -14.29 -13.03
C SER B 116 13.79 -15.63 -13.35
N LEU B 117 13.37 -15.82 -14.60
CA LEU B 117 12.66 -17.04 -14.97
C LEU B 117 13.71 -18.10 -15.31
N PRO B 118 13.54 -19.30 -14.76
CA PRO B 118 14.48 -20.40 -15.01
C PRO B 118 14.63 -20.69 -16.50
N GLY B 119 15.72 -21.36 -16.88
CA GLY B 119 15.97 -21.68 -18.26
C GLY B 119 15.20 -22.90 -18.72
N SER B 120 15.70 -23.55 -19.78
CA SER B 120 15.05 -24.75 -20.32
C SER B 120 15.80 -26.01 -19.92
N THR B 121 15.07 -27.12 -19.86
CA THR B 121 15.66 -28.41 -19.49
C THR B 121 15.06 -29.55 -20.32
N GLY B 122 15.77 -30.68 -20.37
CA GLY B 122 15.26 -31.86 -21.04
C GLY B 122 14.58 -32.71 -20.00
N LEU B 123 13.68 -33.59 -20.45
CA LEU B 123 12.98 -34.52 -19.56
C LEU B 123 13.05 -35.92 -20.16
N ARG B 124 13.02 -36.93 -19.29
CA ARG B 124 12.69 -38.27 -19.72
C ARG B 124 11.43 -38.71 -18.96
N PHE B 125 10.59 -39.48 -19.65
CA PHE B 125 9.37 -40.01 -19.07
C PHE B 125 9.42 -41.53 -18.99
N GLY B 126 9.05 -42.07 -17.83
CA GLY B 126 9.24 -43.47 -17.56
C GLY B 126 7.90 -44.18 -17.43
N ALA B 127 7.94 -45.42 -16.93
CA ALA B 127 6.79 -46.31 -16.97
C ALA B 127 5.73 -45.79 -16.01
N ASN B 128 6.14 -44.92 -15.11
CA ASN B 128 5.27 -44.42 -14.09
C ASN B 128 4.79 -42.98 -14.32
N SER B 129 5.09 -42.38 -15.47
CA SER B 129 4.72 -40.98 -15.66
C SER B 129 3.23 -40.84 -15.96
N VAL B 130 2.75 -39.59 -16.12
CA VAL B 130 1.35 -39.34 -16.41
C VAL B 130 1.05 -39.50 -17.89
N LEU B 131 2.13 -39.58 -18.69
CA LEU B 131 2.00 -39.70 -20.16
C LEU B 131 2.04 -41.15 -20.60
N LYS B 132 1.48 -41.41 -21.78
CA LYS B 132 1.48 -42.78 -22.31
C LYS B 132 2.90 -43.26 -22.58
N PRO B 133 3.18 -44.57 -22.39
CA PRO B 133 4.57 -45.06 -22.38
C PRO B 133 5.32 -44.79 -23.67
N GLU B 134 4.61 -44.75 -24.79
CA GLU B 134 5.26 -44.49 -26.07
C GLU B 134 5.99 -43.16 -26.10
N ILE B 135 5.57 -42.21 -25.26
CA ILE B 135 6.26 -40.94 -25.20
C ILE B 135 7.37 -41.02 -24.16
N LYS B 136 8.60 -40.77 -24.59
CA LYS B 136 9.75 -41.09 -23.76
C LYS B 136 10.54 -39.86 -23.36
N ARG B 137 10.42 -38.80 -24.14
CA ARG B 137 11.30 -37.66 -24.08
C ARG B 137 10.42 -36.39 -24.04
N GLY B 138 10.95 -35.29 -23.50
CA GLY B 138 10.32 -33.99 -23.66
C GLY B 138 11.21 -32.87 -23.19
N PHE B 139 10.65 -31.68 -23.06
CA PHE B 139 11.43 -30.51 -22.77
C PHE B 139 10.58 -29.66 -21.84
N GLU B 140 11.24 -28.82 -21.04
CA GLU B 140 10.53 -27.95 -20.08
C GLU B 140 11.13 -26.55 -20.05
N TYR B 141 10.27 -25.53 -20.06
CA TYR B 141 10.71 -24.14 -20.12
C TYR B 141 9.71 -23.29 -19.32
N SER B 142 10.05 -22.01 -19.12
CA SER B 142 9.23 -21.09 -18.30
C SER B 142 8.33 -20.17 -19.13
N ASP B 143 7.15 -19.89 -18.61
CA ASP B 143 6.39 -18.74 -19.08
C ASP B 143 5.55 -18.30 -17.87
N CYS B 144 4.46 -17.54 -18.05
CA CYS B 144 3.74 -17.04 -16.87
C CYS B 144 2.26 -17.26 -17.04
N TRP B 145 1.56 -17.34 -15.91
CA TRP B 145 0.10 -17.42 -15.89
C TRP B 145 -0.44 -16.12 -15.34
N VAL B 146 -1.59 -15.66 -15.82
CA VAL B 146 -2.19 -14.43 -15.24
C VAL B 146 -3.72 -14.50 -15.24
N ASP B 147 -4.30 -13.95 -14.17
CA ASP B 147 -5.75 -13.96 -13.98
C ASP B 147 -6.26 -12.84 -14.89
N ASP B 148 -6.66 -13.23 -16.09
CA ASP B 148 -6.93 -12.27 -17.18
C ASP B 148 -7.94 -11.19 -16.80
N ALA B 149 -9.07 -11.58 -16.25
CA ALA B 149 -10.14 -10.63 -15.95
C ALA B 149 -9.73 -9.70 -14.81
N ARG B 150 -8.92 -10.17 -13.88
CA ARG B 150 -8.46 -9.31 -12.80
C ARG B 150 -7.31 -8.39 -13.18
N LEU B 151 -6.61 -8.72 -14.27
CA LEU B 151 -5.63 -7.80 -14.89
C LEU B 151 -6.36 -6.60 -15.50
N VAL B 152 -7.48 -6.85 -16.17
CA VAL B 152 -8.31 -5.72 -16.63
C VAL B 152 -8.83 -4.88 -15.42
N LEU B 153 -9.34 -5.56 -14.38
CA LEU B 153 -9.85 -4.86 -13.21
C LEU B 153 -8.76 -3.97 -12.59
N ALA B 154 -7.54 -4.49 -12.52
CA ALA B 154 -6.41 -3.77 -11.87
C ALA B 154 -6.20 -2.50 -12.69
N ASN B 155 -6.19 -2.63 -14.01
CA ASN B 155 -6.02 -1.43 -14.84
C ASN B 155 -7.15 -0.40 -14.68
N ALA B 156 -8.39 -0.85 -14.56
CA ALA B 156 -9.55 0.05 -14.35
C ALA B 156 -9.39 0.76 -12.99
N GLN B 157 -8.93 0.04 -11.97
CA GLN B 157 -8.57 0.69 -10.68
C GLN B 157 -7.49 1.77 -10.86
N MET B 158 -6.53 1.49 -11.71
CA MET B 158 -5.46 2.43 -11.96
C MET B 158 -5.98 3.71 -12.59
N VAL B 159 -6.85 3.57 -13.59
CA VAL B 159 -7.59 4.75 -14.14
C VAL B 159 -8.15 5.67 -13.05
N VAL B 160 -8.93 5.11 -12.13
CA VAL B 160 -9.57 5.84 -11.05
C VAL B 160 -8.57 6.42 -10.04
N ARG B 161 -7.49 5.69 -9.78
CA ARG B 161 -6.49 6.15 -8.85
C ARG B 161 -5.84 7.40 -9.43
N LYS B 162 -5.63 7.40 -10.75
CA LYS B 162 -5.05 8.55 -11.45
C LYS B 162 -6.02 9.66 -11.78
N GLY B 163 -7.26 9.57 -11.32
CA GLY B 163 -8.21 10.66 -11.47
C GLY B 163 -9.14 10.50 -12.67
N GLY B 164 -9.01 9.39 -13.39
CA GLY B 164 -9.91 9.09 -14.49
C GLY B 164 -11.26 8.57 -14.06
N GLU B 165 -12.13 8.36 -15.04
CA GLU B 165 -13.51 8.00 -14.81
C GLU B 165 -13.74 6.68 -15.57
N VAL B 166 -14.41 5.75 -14.92
CA VAL B 166 -14.78 4.48 -15.55
C VAL B 166 -16.28 4.32 -15.39
N LEU B 167 -16.97 4.00 -16.48
CA LEU B 167 -18.41 3.73 -16.44
C LEU B 167 -18.63 2.36 -17.11
N THR B 168 -19.28 1.44 -16.42
CA THR B 168 -19.70 0.19 -17.06
C THR B 168 -21.21 0.17 -17.24
N ARG B 169 -21.74 -0.90 -17.85
CA ARG B 169 -23.11 -0.97 -18.29
C ARG B 169 -23.49 0.26 -19.14
N THR B 170 -22.53 0.76 -19.89
CA THR B 170 -22.70 2.03 -20.63
C THR B 170 -22.14 1.88 -22.03
N ARG B 171 -23.05 1.75 -23.02
CA ARG B 171 -22.69 1.44 -24.38
C ARG B 171 -22.55 2.73 -25.21
N ALA B 172 -21.40 2.92 -25.87
CA ALA B 172 -21.27 4.15 -26.70
C ALA B 172 -22.09 3.84 -27.95
N THR B 173 -22.86 4.83 -28.40
CA THR B 173 -23.76 4.60 -29.53
C THR B 173 -23.36 5.43 -30.75
N SER B 174 -22.65 6.52 -30.54
CA SER B 174 -22.01 7.19 -31.69
C SER B 174 -20.86 8.10 -31.28
N ALA B 175 -19.97 8.37 -32.23
CA ALA B 175 -18.88 9.30 -32.04
C ALA B 175 -18.71 10.02 -33.38
N ARG B 176 -18.73 11.33 -33.32
CA ARG B 176 -18.62 12.13 -34.56
C ARG B 176 -17.80 13.38 -34.27
N ARG B 177 -17.10 13.89 -35.28
CA ARG B 177 -16.22 15.03 -35.08
C ARG B 177 -17.03 16.28 -35.40
N GLU B 178 -17.11 17.21 -34.45
CA GLU B 178 -17.72 18.51 -34.71
C GLU B 178 -16.87 19.61 -34.17
N ASN B 179 -16.58 20.59 -35.04
CA ASN B 179 -15.92 21.79 -34.60
C ASN B 179 -14.61 21.48 -33.90
N GLY B 180 -13.90 20.43 -34.34
CA GLY B 180 -12.57 20.16 -33.82
C GLY B 180 -12.53 19.27 -32.58
N LEU B 181 -13.69 18.81 -32.16
CA LEU B 181 -13.81 17.95 -30.97
C LEU B 181 -14.60 16.69 -31.35
N TRP B 182 -14.43 15.61 -30.59
CA TRP B 182 -15.38 14.51 -30.68
C TRP B 182 -16.60 14.82 -29.81
N ILE B 183 -17.77 14.48 -30.30
CA ILE B 183 -18.98 14.37 -29.50
C ILE B 183 -19.30 12.87 -29.42
N VAL B 184 -19.29 12.33 -28.21
CA VAL B 184 -19.54 10.90 -28.04
C VAL B 184 -20.85 10.70 -27.27
N GLU B 185 -21.72 9.89 -27.83
CA GLU B 185 -22.99 9.60 -27.20
C GLU B 185 -22.95 8.17 -26.68
N ALA B 186 -23.59 7.96 -25.54
CA ALA B 186 -23.65 6.62 -24.95
C ALA B 186 -24.94 6.47 -24.16
N GLU B 187 -25.33 5.23 -23.89
CA GLU B 187 -26.49 5.03 -23.06
C GLU B 187 -26.35 3.92 -22.04
N ASP B 188 -26.95 4.12 -20.88
CA ASP B 188 -27.01 3.08 -19.84
C ASP B 188 -27.84 1.91 -20.29
N ILE B 189 -27.25 0.71 -20.25
CA ILE B 189 -27.87 -0.43 -20.87
C ILE B 189 -29.09 -0.89 -20.06
N ASP B 190 -29.19 -0.43 -18.82
CA ASP B 190 -30.30 -0.82 -17.95
C ASP B 190 -31.38 0.26 -17.92
N THR B 191 -30.99 1.51 -17.65
CA THR B 191 -31.96 2.57 -17.36
C THR B 191 -32.31 3.44 -18.56
N GLY B 192 -31.58 3.29 -19.65
CA GLY B 192 -31.72 4.15 -20.84
C GLY B 192 -31.18 5.56 -20.70
N LYS B 193 -30.57 5.88 -19.58
CA LYS B 193 -29.96 7.19 -19.42
C LYS B 193 -28.98 7.50 -20.55
N LYS B 194 -29.20 8.62 -21.22
CA LYS B 194 -28.34 8.99 -22.34
C LYS B 194 -27.27 9.91 -21.81
N TYR B 195 -26.09 9.80 -22.39
CA TYR B 195 -25.00 10.67 -22.04
C TYR B 195 -24.48 11.29 -23.33
N SER B 196 -23.88 12.47 -23.23
CA SER B 196 -23.13 13.05 -24.31
C SER B 196 -21.92 13.78 -23.75
N TRP B 197 -20.73 13.48 -24.28
CA TRP B 197 -19.53 14.17 -23.86
C TRP B 197 -18.84 14.78 -25.07
N GLN B 198 -18.01 15.78 -24.79
CA GLN B 198 -17.01 16.26 -25.75
C GLN B 198 -15.66 15.70 -25.35
N ALA B 199 -14.82 15.39 -26.32
CA ALA B 199 -13.47 14.94 -26.03
C ALA B 199 -12.53 15.45 -27.09
N ARG B 200 -11.28 15.64 -26.67
CA ARG B 200 -10.24 15.99 -27.62
C ARG B 200 -9.69 14.84 -28.46
N GLY B 201 -9.90 13.61 -28.00
CA GLY B 201 -9.30 12.47 -28.67
C GLY B 201 -10.12 11.25 -28.27
N LEU B 202 -10.16 10.28 -29.19
CA LEU B 202 -11.00 9.10 -29.07
C LEU B 202 -10.20 7.82 -29.34
N VAL B 203 -10.43 6.80 -28.51
CA VAL B 203 -9.82 5.49 -28.72
C VAL B 203 -10.91 4.44 -28.91
N ASN B 204 -10.82 3.72 -30.03
CA ASN B 204 -11.72 2.63 -30.34
C ASN B 204 -11.03 1.31 -30.02
N ALA B 205 -11.17 0.91 -28.75
CA ALA B 205 -10.61 -0.35 -28.25
C ALA B 205 -11.71 -1.41 -27.99
N THR B 206 -12.56 -1.64 -28.98
CA THR B 206 -13.75 -2.44 -28.79
C THR B 206 -13.53 -3.92 -29.20
N GLY B 207 -12.28 -4.34 -29.40
CA GLY B 207 -12.00 -5.78 -29.56
C GLY B 207 -12.63 -6.35 -30.84
N PRO B 208 -13.44 -7.42 -30.71
CA PRO B 208 -14.17 -8.00 -31.83
C PRO B 208 -15.09 -7.01 -32.55
N TRP B 209 -15.48 -5.94 -31.85
CA TRP B 209 -16.40 -4.96 -32.40
C TRP B 209 -15.68 -3.80 -33.09
N VAL B 210 -14.35 -3.85 -33.24
CA VAL B 210 -13.61 -2.66 -33.65
C VAL B 210 -14.02 -2.14 -35.06
N LYS B 211 -14.23 -3.05 -36.01
CA LYS B 211 -14.79 -2.63 -37.33
C LYS B 211 -16.28 -2.28 -37.24
N GLN B 212 -17.04 -3.07 -36.51
CA GLN B 212 -18.44 -2.70 -36.31
C GLN B 212 -18.63 -1.29 -35.78
N PHE B 213 -17.77 -0.87 -34.85
CA PHE B 213 -17.90 0.50 -34.34
C PHE B 213 -17.57 1.56 -35.41
N PHE B 214 -16.57 1.30 -36.25
CA PHE B 214 -16.35 2.20 -37.40
C PHE B 214 -17.64 2.29 -38.23
N ASP B 215 -18.22 1.14 -38.53
CA ASP B 215 -19.31 1.06 -39.52
C ASP B 215 -20.59 1.66 -38.96
N ASP B 216 -20.91 1.33 -37.71
CA ASP B 216 -22.23 1.64 -37.13
C ASP B 216 -22.18 2.83 -36.19
N GLY B 217 -21.04 3.04 -35.55
CA GLY B 217 -20.90 4.06 -34.53
C GLY B 217 -20.37 5.37 -35.13
N MET B 218 -19.53 5.29 -36.15
CA MET B 218 -18.80 6.47 -36.58
C MET B 218 -19.00 6.83 -38.06
N HIS B 219 -19.59 5.90 -38.81
CA HIS B 219 -19.70 5.96 -40.27
C HIS B 219 -18.38 6.36 -40.92
N LEU B 220 -17.29 5.76 -40.46
CA LEU B 220 -15.94 6.03 -41.02
C LEU B 220 -15.37 4.72 -41.53
N PRO B 221 -14.49 4.80 -42.55
CA PRO B 221 -13.99 3.53 -43.10
C PRO B 221 -12.97 2.92 -42.14
N SER B 222 -13.14 1.65 -41.79
CA SER B 222 -12.12 0.95 -41.02
C SER B 222 -10.83 0.79 -41.82
N PRO B 223 -9.69 1.06 -41.19
CA PRO B 223 -8.43 0.84 -41.95
C PRO B 223 -8.14 -0.64 -42.23
N TYR B 224 -8.67 -1.55 -41.41
CA TYR B 224 -8.38 -2.97 -41.54
C TYR B 224 -9.66 -3.78 -41.34
N GLY B 225 -9.58 -5.06 -41.68
CA GLY B 225 -10.75 -5.90 -41.89
C GLY B 225 -11.27 -6.84 -40.83
N ILE B 226 -10.51 -7.15 -39.78
CA ILE B 226 -10.93 -8.10 -38.72
C ILE B 226 -11.36 -9.56 -39.04
N ARG B 227 -10.50 -10.49 -38.65
CA ARG B 227 -10.82 -11.91 -38.63
C ARG B 227 -11.23 -12.33 -37.24
N LEU B 228 -12.47 -12.79 -37.09
CA LEU B 228 -12.92 -13.33 -35.80
C LEU B 228 -12.67 -14.81 -35.72
N ILE B 229 -11.71 -15.20 -34.89
CA ILE B 229 -11.32 -16.59 -34.81
C ILE B 229 -11.68 -17.09 -33.41
N LYS B 230 -12.70 -17.95 -33.34
CA LYS B 230 -13.19 -18.49 -32.05
C LYS B 230 -12.14 -19.46 -31.50
N GLY B 231 -11.96 -19.43 -30.19
CA GLY B 231 -11.20 -20.51 -29.51
C GLY B 231 -11.98 -20.83 -28.23
N SER B 232 -12.00 -22.11 -27.87
CA SER B 232 -12.71 -22.54 -26.69
C SER B 232 -11.78 -23.32 -25.77
N HIS B 233 -12.20 -23.43 -24.51
CA HIS B 233 -11.47 -24.21 -23.48
C HIS B 233 -12.46 -25.15 -22.80
N ILE B 234 -11.93 -26.27 -22.32
CA ILE B 234 -12.78 -27.10 -21.46
C ILE B 234 -12.11 -27.16 -20.06
N VAL B 235 -12.88 -27.45 -19.02
CA VAL B 235 -12.29 -27.51 -17.67
C VAL B 235 -12.72 -28.87 -17.11
N VAL B 236 -11.75 -29.53 -16.49
CA VAL B 236 -11.99 -30.85 -15.85
C VAL B 236 -11.35 -30.86 -14.46
N PRO B 237 -11.84 -31.74 -13.55
CA PRO B 237 -11.11 -31.93 -12.31
C PRO B 237 -9.65 -32.22 -12.70
N ARG B 238 -8.71 -31.71 -11.92
CA ARG B 238 -7.29 -31.77 -12.24
C ARG B 238 -6.81 -33.16 -12.68
N VAL B 239 -6.17 -33.21 -13.85
CA VAL B 239 -5.87 -34.48 -14.50
C VAL B 239 -4.70 -35.24 -13.87
N HIS B 240 -3.90 -34.52 -13.07
CA HIS B 240 -2.80 -35.07 -12.26
C HIS B 240 -2.49 -34.03 -11.19
N THR B 241 -1.62 -34.39 -10.23
CA THR B 241 -1.29 -33.45 -9.16
C THR B 241 -0.02 -32.63 -9.40
N GLN B 242 0.51 -32.65 -10.61
CA GLN B 242 1.73 -31.90 -10.91
C GLN B 242 1.48 -30.39 -11.08
N LYS B 243 2.47 -29.58 -10.74
CA LYS B 243 2.35 -28.12 -10.84
C LYS B 243 2.57 -27.63 -12.27
N GLN B 244 3.25 -28.45 -13.08
CA GLN B 244 3.59 -28.05 -14.45
C GLN B 244 2.38 -28.04 -15.39
N ALA B 245 2.44 -27.12 -16.35
CA ALA B 245 1.53 -27.22 -17.50
C ALA B 245 2.17 -28.12 -18.51
N TYR B 246 1.34 -28.65 -19.40
CA TYR B 246 1.86 -29.34 -20.58
C TYR B 246 1.44 -28.56 -21.85
N ILE B 247 2.34 -28.54 -22.83
CA ILE B 247 2.03 -28.04 -24.18
C ILE B 247 2.14 -29.22 -25.12
N LEU B 248 1.03 -29.56 -25.79
CA LEU B 248 0.86 -30.76 -26.58
C LEU B 248 0.92 -30.43 -28.06
N GLN B 249 1.82 -31.10 -28.77
CA GLN B 249 1.89 -30.96 -30.22
C GLN B 249 0.83 -31.83 -30.91
N ASN B 250 -0.10 -31.18 -31.60
CA ASN B 250 -1.18 -31.92 -32.25
C ASN B 250 -0.80 -32.27 -33.70
N GLU B 251 -1.58 -33.16 -34.30
CA GLU B 251 -1.22 -33.71 -35.61
C GLU B 251 -1.38 -32.67 -36.73
N ASP B 252 -2.20 -31.66 -36.46
CA ASP B 252 -2.43 -30.50 -37.35
C ASP B 252 -1.40 -29.35 -37.23
N LYS B 253 -0.34 -29.56 -36.45
CA LYS B 253 0.71 -28.59 -36.18
C LYS B 253 0.38 -27.47 -35.18
N ARG B 254 -0.85 -27.48 -34.67
CA ARG B 254 -1.24 -26.62 -33.57
C ARG B 254 -0.69 -27.21 -32.27
N ILE B 255 -0.66 -26.36 -31.24
CA ILE B 255 -0.35 -26.78 -29.88
C ILE B 255 -1.53 -26.50 -28.95
N VAL B 256 -1.80 -27.44 -28.04
CA VAL B 256 -2.91 -27.34 -27.07
C VAL B 256 -2.29 -27.47 -25.68
N PHE B 257 -2.77 -26.63 -24.76
CA PHE B 257 -2.25 -26.58 -23.41
C PHE B 257 -3.11 -27.40 -22.49
N VAL B 258 -2.47 -27.90 -21.43
CA VAL B 258 -3.18 -28.52 -20.29
C VAL B 258 -2.59 -27.84 -19.04
N ILE B 259 -3.35 -26.94 -18.42
CA ILE B 259 -2.85 -25.96 -17.46
C ILE B 259 -3.51 -26.20 -16.12
N PRO B 260 -2.70 -26.36 -15.07
CA PRO B 260 -3.31 -26.51 -13.72
C PRO B 260 -4.04 -25.21 -13.35
N TRP B 261 -5.20 -25.33 -12.72
CA TRP B 261 -6.02 -24.15 -12.47
C TRP B 261 -6.62 -24.27 -11.07
N MET B 262 -6.31 -23.27 -10.25
CA MET B 262 -6.92 -23.12 -8.94
C MET B 262 -6.76 -24.38 -8.09
N ASP B 263 -5.62 -25.05 -8.20
CA ASP B 263 -5.33 -26.23 -7.34
C ASP B 263 -6.24 -27.46 -7.54
N GLU B 264 -7.36 -27.35 -8.23
CA GLU B 264 -8.42 -28.37 -8.20
C GLU B 264 -8.80 -28.80 -9.63
N PHE B 265 -8.42 -27.99 -10.61
CA PHE B 265 -8.88 -28.26 -11.98
C PHE B 265 -7.71 -28.27 -12.97
N SER B 266 -8.00 -28.63 -14.23
CA SER B 266 -7.07 -28.40 -15.34
C SER B 266 -7.88 -27.75 -16.47
N ILE B 267 -7.33 -26.72 -17.07
CA ILE B 267 -7.93 -26.14 -18.29
C ILE B 267 -7.23 -26.74 -19.49
N ILE B 268 -8.03 -27.17 -20.47
CA ILE B 268 -7.44 -27.65 -21.72
C ILE B 268 -7.95 -26.77 -22.87
N GLY B 269 -7.02 -26.23 -23.64
CA GLY B 269 -7.40 -25.39 -24.79
C GLY B 269 -6.16 -24.94 -25.52
N THR B 270 -6.34 -24.31 -26.69
CA THR B 270 -7.66 -24.05 -27.25
C THR B 270 -7.86 -24.56 -28.68
N THR B 271 -8.66 -23.83 -29.46
CA THR B 271 -9.03 -24.20 -30.83
C THR B 271 -8.95 -22.94 -31.69
N ASP B 272 -9.10 -23.10 -33.01
CA ASP B 272 -8.96 -21.96 -33.97
C ASP B 272 -10.07 -22.23 -34.98
N VAL B 273 -11.21 -21.57 -34.84
CA VAL B 273 -12.40 -21.84 -35.63
C VAL B 273 -12.90 -20.50 -36.24
N GLU B 274 -12.86 -20.36 -37.56
CA GLU B 274 -13.35 -19.10 -38.12
C GLU B 274 -14.81 -18.91 -37.73
N TYR B 275 -15.16 -17.71 -37.29
CA TYR B 275 -16.44 -17.45 -36.64
C TYR B 275 -17.11 -16.29 -37.36
N LYS B 276 -18.40 -16.40 -37.55
CA LYS B 276 -19.15 -15.27 -38.12
C LYS B 276 -20.39 -15.08 -37.27
N GLY B 277 -20.74 -13.83 -37.04
CA GLY B 277 -21.92 -13.55 -36.25
C GLY B 277 -21.55 -12.76 -35.02
N ASP B 278 -22.43 -12.82 -34.03
CA ASP B 278 -22.38 -11.96 -32.87
C ASP B 278 -21.34 -12.50 -31.87
N PRO B 279 -20.31 -11.69 -31.55
CA PRO B 279 -19.33 -12.18 -30.59
C PRO B 279 -19.94 -12.54 -29.24
N LYS B 280 -21.10 -11.99 -28.89
CA LYS B 280 -21.66 -12.33 -27.58
C LYS B 280 -22.29 -13.71 -27.54
N ALA B 281 -22.49 -14.30 -28.72
CA ALA B 281 -23.19 -15.59 -28.82
C ALA B 281 -22.21 -16.77 -28.79
N VAL B 282 -20.92 -16.49 -28.69
CA VAL B 282 -19.88 -17.50 -28.96
C VAL B 282 -19.94 -18.60 -27.91
N LYS B 283 -19.86 -19.85 -28.36
CA LYS B 283 -19.92 -20.97 -27.39
C LYS B 283 -19.24 -22.17 -28.00
N ILE B 284 -18.75 -23.07 -27.15
CA ILE B 284 -18.04 -24.24 -27.64
C ILE B 284 -18.98 -25.17 -28.42
N GLU B 285 -18.42 -25.84 -29.44
CA GLU B 285 -19.23 -26.77 -30.23
C GLU B 285 -18.68 -28.18 -30.04
N GLU B 286 -19.48 -29.15 -30.48
CA GLU B 286 -19.08 -30.55 -30.30
C GLU B 286 -17.67 -30.83 -30.85
N SER B 287 -17.37 -30.43 -32.09
CA SER B 287 -16.08 -30.82 -32.65
C SER B 287 -14.91 -30.22 -31.91
N GLU B 288 -15.12 -29.09 -31.24
CA GLU B 288 -14.07 -28.54 -30.38
C GLU B 288 -13.80 -29.45 -29.17
N ILE B 289 -14.87 -29.89 -28.52
CA ILE B 289 -14.77 -30.87 -27.43
C ILE B 289 -14.04 -32.12 -27.89
N ASN B 290 -14.44 -32.64 -29.06
CA ASN B 290 -13.81 -33.85 -29.58
C ASN B 290 -12.32 -33.61 -29.86
N TYR B 291 -12.00 -32.43 -30.40
CA TYR B 291 -10.63 -32.08 -30.73
C TYR B 291 -9.75 -32.03 -29.49
N LEU B 292 -10.21 -31.27 -28.50
CA LEU B 292 -9.42 -31.06 -27.30
C LEU B 292 -9.27 -32.37 -26.51
N LEU B 293 -10.36 -33.13 -26.38
CA LEU B 293 -10.23 -34.45 -25.70
C LEU B 293 -9.31 -35.39 -26.47
N ASN B 294 -9.39 -35.37 -27.80
CA ASN B 294 -8.41 -36.17 -28.55
C ASN B 294 -6.92 -35.93 -28.24
N VAL B 295 -6.47 -34.69 -28.37
CA VAL B 295 -5.07 -34.37 -28.22
C VAL B 295 -4.62 -34.64 -26.75
N TYR B 296 -5.52 -34.43 -25.82
CA TYR B 296 -5.24 -34.84 -24.41
C TYR B 296 -5.11 -36.39 -24.31
N ASN B 297 -6.12 -37.10 -24.80
CA ASN B 297 -6.25 -38.57 -24.62
C ASN B 297 -5.17 -39.35 -25.35
N THR B 298 -4.67 -38.74 -26.42
CA THR B 298 -3.53 -39.23 -27.19
C THR B 298 -2.21 -39.18 -26.41
N HIS B 299 -2.10 -38.25 -25.46
CA HIS B 299 -0.84 -38.06 -24.73
C HIS B 299 -0.84 -38.69 -23.34
N PHE B 300 -1.97 -38.59 -22.63
CA PHE B 300 -2.02 -38.95 -21.19
C PHE B 300 -2.62 -40.33 -20.91
N LYS B 301 -2.12 -41.03 -19.89
CA LYS B 301 -2.69 -42.31 -19.50
C LYS B 301 -4.11 -42.24 -18.98
N LYS B 302 -4.36 -41.30 -18.09
CA LYS B 302 -5.66 -41.16 -17.46
C LYS B 302 -6.62 -40.53 -18.48
N GLN B 303 -7.50 -41.36 -19.03
CA GLN B 303 -8.42 -40.90 -20.07
C GLN B 303 -9.51 -40.00 -19.52
N LEU B 304 -9.89 -39.01 -20.33
CA LEU B 304 -11.06 -38.18 -20.05
C LEU B 304 -12.20 -38.44 -21.03
N SER B 305 -13.44 -38.39 -20.55
CA SER B 305 -14.57 -38.34 -21.45
C SER B 305 -15.28 -36.99 -21.32
N ARG B 306 -16.29 -36.81 -22.14
CA ARG B 306 -17.07 -35.58 -22.13
C ARG B 306 -17.84 -35.42 -20.81
N ASP B 307 -18.16 -36.55 -20.15
CA ASP B 307 -18.81 -36.49 -18.85
C ASP B 307 -17.96 -35.93 -17.72
N ASP B 308 -16.64 -35.87 -17.93
CA ASP B 308 -15.71 -35.34 -16.94
C ASP B 308 -15.67 -33.80 -16.94
N ILE B 309 -16.14 -33.21 -18.05
CA ILE B 309 -16.05 -31.75 -18.20
C ILE B 309 -17.02 -31.07 -17.22
N VAL B 310 -16.51 -30.11 -16.45
CA VAL B 310 -17.30 -29.39 -15.46
C VAL B 310 -17.62 -27.95 -15.84
N TRP B 311 -16.86 -27.39 -16.78
CA TRP B 311 -17.20 -26.05 -17.30
C TRP B 311 -16.50 -25.91 -18.67
N THR B 312 -17.01 -24.98 -19.48
CA THR B 312 -16.33 -24.60 -20.73
C THR B 312 -16.38 -23.09 -20.82
N TYR B 313 -15.55 -22.55 -21.71
CA TYR B 313 -15.74 -21.12 -22.07
C TYR B 313 -15.15 -20.89 -23.45
N SER B 314 -15.48 -19.74 -24.05
CA SER B 314 -15.16 -19.55 -25.43
C SER B 314 -15.09 -18.04 -25.66
N GLY B 315 -14.30 -17.66 -26.64
CA GLY B 315 -14.25 -16.24 -27.04
C GLY B 315 -13.77 -16.12 -28.48
N VAL B 316 -13.82 -14.90 -29.02
CA VAL B 316 -13.33 -14.71 -30.39
C VAL B 316 -12.16 -13.71 -30.48
N ARG B 317 -11.04 -14.21 -30.98
CA ARG B 317 -9.83 -13.37 -31.16
C ARG B 317 -10.16 -12.37 -32.25
N PRO B 318 -10.02 -11.08 -31.91
CA PRO B 318 -10.38 -10.16 -32.98
C PRO B 318 -9.49 -10.23 -34.27
N LEU B 319 -8.21 -10.50 -34.09
CA LEU B 319 -7.16 -10.59 -35.14
C LEU B 319 -7.18 -9.63 -36.32
N CYS B 320 -6.10 -8.86 -36.43
CA CYS B 320 -5.93 -8.06 -37.63
C CYS B 320 -5.98 -8.99 -38.83
N ASP B 321 -6.83 -8.67 -39.81
CA ASP B 321 -6.93 -9.51 -41.01
C ASP B 321 -5.74 -9.42 -41.98
N ASP B 322 -4.72 -10.24 -41.75
CA ASP B 322 -3.57 -10.30 -42.67
C ASP B 322 -3.81 -11.24 -43.85
N GLU B 323 -5.04 -11.72 -43.96
CA GLU B 323 -5.51 -12.45 -45.14
C GLU B 323 -4.98 -13.87 -45.23
N SER B 324 -4.37 -14.33 -44.14
CA SER B 324 -3.97 -15.74 -44.02
C SER B 324 -5.14 -16.66 -44.29
N ASP B 325 -4.88 -17.73 -45.04
CA ASP B 325 -5.91 -18.71 -45.32
C ASP B 325 -6.24 -19.56 -44.11
N SER B 326 -5.26 -19.78 -43.23
CA SER B 326 -5.46 -20.65 -42.08
C SER B 326 -5.52 -19.82 -40.79
N PRO B 327 -6.58 -20.03 -39.98
CA PRO B 327 -6.72 -19.22 -38.77
C PRO B 327 -5.50 -19.31 -37.86
N GLN B 328 -5.00 -20.53 -37.67
CA GLN B 328 -3.82 -20.76 -36.84
C GLN B 328 -2.58 -20.03 -37.36
N ALA B 329 -2.65 -19.59 -38.62
CA ALA B 329 -1.53 -18.83 -39.22
C ALA B 329 -1.70 -17.30 -39.22
N ILE B 330 -2.88 -16.79 -38.87
CA ILE B 330 -3.11 -15.34 -38.87
C ILE B 330 -2.27 -14.71 -37.77
N THR B 331 -1.62 -13.59 -38.09
CA THR B 331 -0.72 -12.95 -37.11
C THR B 331 -1.44 -12.65 -35.79
N ARG B 332 -0.70 -12.75 -34.70
CA ARG B 332 -1.22 -12.32 -33.40
C ARG B 332 -0.63 -11.00 -32.93
N ASP B 333 0.15 -10.36 -33.80
CA ASP B 333 0.74 -9.07 -33.46
C ASP B 333 -0.36 -8.00 -33.63
N TYR B 334 -0.28 -6.92 -32.85
CA TYR B 334 -1.29 -5.84 -32.96
C TYR B 334 -0.91 -4.81 -34.02
N THR B 335 -1.92 -4.08 -34.51
CA THR B 335 -1.68 -2.87 -35.32
C THR B 335 -2.50 -1.72 -34.75
N LEU B 336 -1.86 -0.57 -34.52
CA LEU B 336 -2.59 0.64 -34.13
C LEU B 336 -2.74 1.55 -35.34
N ASP B 337 -3.92 2.09 -35.54
CA ASP B 337 -4.16 3.06 -36.61
C ASP B 337 -4.54 4.40 -35.97
N ILE B 338 -3.95 5.49 -36.44
CA ILE B 338 -4.38 6.79 -35.92
C ILE B 338 -4.62 7.70 -37.11
N HIS B 339 -5.70 8.46 -37.05
CA HIS B 339 -6.03 9.46 -38.09
C HIS B 339 -6.63 10.67 -37.40
N ASP B 340 -6.33 11.88 -37.88
CA ASP B 340 -7.02 13.08 -37.36
C ASP B 340 -7.76 13.78 -38.50
N GLU B 341 -8.54 14.80 -38.18
CA GLU B 341 -9.08 15.65 -39.23
C GLU B 341 -8.60 17.08 -39.02
N ASN B 342 -7.84 17.59 -39.98
CA ASN B 342 -7.37 18.98 -39.90
C ASN B 342 -6.55 19.15 -38.62
N GLY B 343 -5.86 18.08 -38.22
CA GLY B 343 -4.83 18.15 -37.17
C GLY B 343 -5.37 18.04 -35.75
N LYS B 344 -6.68 17.83 -35.64
CA LYS B 344 -7.35 17.74 -34.36
C LYS B 344 -8.20 16.47 -34.27
N ALA B 345 -8.72 16.19 -33.07
CA ALA B 345 -9.64 15.07 -32.87
C ALA B 345 -9.12 13.74 -33.43
N PRO B 346 -7.97 13.29 -32.93
CA PRO B 346 -7.40 12.01 -33.41
C PRO B 346 -8.29 10.85 -33.00
N LEU B 347 -8.46 9.90 -33.90
CA LEU B 347 -9.01 8.57 -33.59
C LEU B 347 -7.88 7.54 -33.61
N LEU B 348 -7.70 6.82 -32.49
CA LEU B 348 -6.73 5.74 -32.44
C LEU B 348 -7.53 4.43 -32.28
N SER B 349 -7.32 3.47 -33.19
CA SER B 349 -8.13 2.25 -33.21
C SER B 349 -7.20 1.07 -33.03
N VAL B 350 -7.65 0.09 -32.25
CA VAL B 350 -6.77 -1.02 -31.87
C VAL B 350 -7.19 -2.28 -32.63
N PHE B 351 -6.26 -2.89 -33.38
CA PHE B 351 -6.51 -4.12 -34.11
C PHE B 351 -5.64 -5.28 -33.60
N GLY B 352 -6.31 -6.26 -33.02
CA GLY B 352 -5.62 -7.34 -32.31
C GLY B 352 -5.05 -6.88 -30.97
N GLY B 353 -4.08 -7.63 -30.47
CA GLY B 353 -3.41 -7.20 -29.25
C GLY B 353 -3.66 -8.25 -28.18
N LYS B 354 -2.67 -9.13 -28.02
CA LYS B 354 -2.68 -10.19 -26.99
C LYS B 354 -2.74 -9.56 -25.61
N LEU B 355 -3.26 -10.32 -24.64
CA LEU B 355 -3.13 -9.93 -23.24
C LEU B 355 -1.70 -9.55 -22.89
N THR B 356 -0.77 -10.40 -23.34
CA THR B 356 0.66 -10.33 -22.99
C THR B 356 1.29 -8.98 -23.33
N THR B 357 0.85 -8.42 -24.46
CA THR B 357 1.43 -7.15 -24.99
C THR B 357 0.66 -5.87 -24.66
N TYR B 358 -0.38 -5.97 -23.82
CA TYR B 358 -1.26 -4.82 -23.61
C TYR B 358 -0.53 -3.54 -23.12
N ARG B 359 0.46 -3.70 -22.24
CA ARG B 359 1.13 -2.54 -21.66
C ARG B 359 1.94 -1.82 -22.75
N LYS B 360 2.59 -2.62 -23.57
CA LYS B 360 3.42 -2.07 -24.65
C LYS B 360 2.50 -1.41 -25.65
N LEU B 361 1.39 -2.09 -25.97
CA LEU B 361 0.42 -1.57 -26.90
C LEU B 361 -0.06 -0.20 -26.41
N ALA B 362 -0.43 -0.12 -25.14
CA ALA B 362 -0.93 1.13 -24.56
C ALA B 362 0.15 2.23 -24.64
N GLU B 363 1.38 1.88 -24.31
CA GLU B 363 2.46 2.86 -24.39
C GLU B 363 2.61 3.40 -25.81
N HIS B 364 2.63 2.49 -26.79
CA HIS B 364 2.65 2.81 -28.22
C HIS B 364 1.48 3.69 -28.65
N ALA B 365 0.25 3.37 -28.21
CA ALA B 365 -0.91 4.24 -28.39
C ALA B 365 -0.73 5.67 -27.88
N LEU B 366 -0.18 5.79 -26.68
CA LEU B 366 -0.04 7.11 -26.06
C LEU B 366 1.05 7.92 -26.77
N GLU B 367 2.03 7.20 -27.31
CA GLU B 367 3.13 7.80 -28.06
C GLU B 367 2.57 8.41 -29.33
N LYS B 368 1.71 7.66 -30.01
CA LYS B 368 1.00 8.15 -31.18
C LYS B 368 0.07 9.32 -30.87
N LEU B 369 -0.56 9.30 -29.69
CA LEU B 369 -1.48 10.39 -29.31
C LEU B 369 -0.75 11.65 -28.84
N THR B 370 0.54 11.52 -28.55
CA THR B 370 1.26 12.56 -27.81
C THR B 370 1.27 13.93 -28.53
N PRO B 371 1.46 13.94 -29.85
CA PRO B 371 1.49 15.24 -30.52
C PRO B 371 0.24 16.09 -30.31
N TYR B 372 -0.89 15.46 -29.93
CA TYR B 372 -2.16 16.16 -29.77
C TYR B 372 -2.45 16.76 -28.41
N TYR B 373 -1.56 16.52 -27.46
CA TYR B 373 -1.75 16.93 -26.06
C TYR B 373 -0.53 17.66 -25.52
N GLN B 374 -0.63 18.99 -25.56
CA GLN B 374 0.43 19.85 -25.05
C GLN B 374 0.66 19.57 -23.58
N GLY B 375 1.89 19.21 -23.23
CA GLY B 375 2.25 19.09 -21.82
C GLY B 375 1.85 17.74 -21.22
N ILE B 376 1.55 16.78 -22.10
CA ILE B 376 1.14 15.46 -21.67
C ILE B 376 2.13 14.86 -20.68
N GLY B 377 2.89 13.86 -21.13
CA GLY B 377 3.87 13.21 -20.29
C GLY B 377 4.53 12.03 -20.98
N PRO B 378 5.70 11.63 -20.46
CA PRO B 378 6.44 10.51 -21.03
C PRO B 378 6.06 9.18 -20.37
N ALA B 379 6.28 8.08 -21.07
CA ALA B 379 5.97 6.75 -20.54
C ALA B 379 6.19 6.70 -19.04
N TRP B 380 5.53 5.74 -18.38
CA TRP B 380 5.65 5.59 -16.94
C TRP B 380 5.27 4.21 -16.42
N THR B 381 4.48 3.45 -17.18
CA THR B 381 3.90 2.23 -16.59
C THR B 381 4.89 1.10 -16.30
N LYS B 382 6.04 1.06 -16.99
CA LYS B 382 6.98 -0.04 -16.77
C LYS B 382 7.47 -0.08 -15.33
N GLU B 383 7.57 1.10 -14.72
CA GLU B 383 7.93 1.23 -13.30
C GLU B 383 6.79 1.13 -12.31
N SER B 384 5.56 0.95 -12.78
CA SER B 384 4.41 1.08 -11.88
C SER B 384 4.08 -0.26 -11.23
N VAL B 385 3.34 -0.20 -10.13
CA VAL B 385 2.75 -1.41 -9.55
C VAL B 385 1.25 -1.24 -9.54
N LEU B 386 0.51 -2.15 -10.19
CA LEU B 386 -0.91 -2.01 -10.31
C LEU B 386 -1.58 -2.13 -8.93
N PRO B 387 -2.80 -1.60 -8.80
CA PRO B 387 -3.61 -1.72 -7.61
C PRO B 387 -3.75 -3.19 -7.23
N GLY B 388 -3.47 -3.49 -5.96
CA GLY B 388 -3.40 -4.89 -5.54
C GLY B 388 -2.01 -5.52 -5.54
N GLY B 389 -1.06 -4.95 -6.30
CA GLY B 389 0.20 -5.63 -6.51
C GLY B 389 1.28 -5.36 -5.47
N ALA B 390 0.96 -4.58 -4.46
CA ALA B 390 2.02 -4.04 -3.59
C ALA B 390 2.21 -4.98 -2.40
N ILE B 391 2.70 -6.19 -2.68
CA ILE B 391 2.95 -7.17 -1.62
C ILE B 391 4.41 -7.61 -1.62
N GLU B 392 4.67 -8.78 -2.19
CA GLU B 392 6.03 -9.30 -2.26
C GLU B 392 6.07 -10.80 -1.91
N GLY B 393 5.86 -11.64 -2.91
CA GLY B 393 5.90 -13.08 -2.72
C GLY B 393 4.65 -13.78 -3.23
N ASP B 394 3.54 -13.64 -2.51
CA ASP B 394 2.23 -14.18 -2.95
C ASP B 394 1.72 -15.29 -2.02
N ARG B 395 2.42 -16.41 -2.03
CA ARG B 395 2.14 -17.50 -1.11
C ARG B 395 3.12 -17.33 0.04
N ASP B 396 4.33 -16.93 -0.33
CA ASP B 396 5.37 -16.54 0.63
C ASP B 396 5.94 -15.24 0.08
N ASP B 397 5.67 -14.17 0.79
CA ASP B 397 4.88 -14.34 1.99
C ASP B 397 3.68 -13.44 2.03
N TYR B 398 2.78 -13.51 1.05
CA TYR B 398 1.61 -12.65 1.31
C TYR B 398 0.45 -13.30 2.04
N ALA B 399 0.00 -14.45 1.57
CA ALA B 399 -1.08 -15.13 2.27
C ALA B 399 -0.65 -15.46 3.72
N ALA B 400 0.61 -15.87 3.90
CA ALA B 400 1.10 -16.17 5.26
C ALA B 400 1.06 -14.88 6.09
N ARG B 401 1.56 -13.79 5.52
CA ARG B 401 1.50 -12.48 6.16
C ARG B 401 0.07 -12.13 6.54
N LEU B 402 -0.84 -12.22 5.58
CA LEU B 402 -2.23 -11.90 5.86
C LEU B 402 -2.80 -12.68 7.06
N ARG B 403 -2.54 -13.98 7.10
CA ARG B 403 -3.04 -14.80 8.18
C ARG B 403 -2.40 -14.36 9.50
N ARG B 404 -1.16 -13.90 9.44
CA ARG B 404 -0.52 -13.38 10.66
C ARG B 404 -1.21 -12.11 11.17
N ARG B 405 -1.58 -11.21 10.26
CA ARG B 405 -2.33 -10.01 10.60
C ARG B 405 -3.78 -10.29 11.00
N TYR B 406 -4.44 -11.22 10.32
CA TYR B 406 -5.86 -11.45 10.50
C TYR B 406 -5.98 -12.92 10.88
N PRO B 407 -5.72 -13.27 12.14
CA PRO B 407 -5.62 -14.70 12.44
C PRO B 407 -6.93 -15.48 12.38
N PHE B 408 -8.07 -14.82 12.34
CA PHE B 408 -9.35 -15.49 12.06
C PHE B 408 -9.51 -16.07 10.63
N LEU B 409 -8.65 -15.67 9.71
CA LEU B 409 -8.68 -16.24 8.35
C LEU B 409 -8.23 -17.70 8.34
N THR B 410 -8.98 -18.55 7.67
CA THR B 410 -8.47 -19.88 7.30
C THR B 410 -7.31 -19.82 6.31
N GLU B 411 -6.58 -20.91 6.19
CA GLU B 411 -5.49 -20.99 5.22
C GLU B 411 -6.05 -20.80 3.80
N SER B 412 -7.25 -21.36 3.58
CA SER B 412 -7.86 -21.35 2.22
C SER B 412 -8.32 -19.91 1.91
N LEU B 413 -8.97 -19.27 2.88
CA LEU B 413 -9.47 -17.91 2.65
C LEU B 413 -8.33 -16.93 2.47
N ALA B 414 -7.31 -17.04 3.33
CA ALA B 414 -6.17 -16.16 3.19
C ALA B 414 -5.50 -16.32 1.84
N ARG B 415 -5.45 -17.57 1.34
CA ARG B 415 -4.90 -17.83 0.02
C ARG B 415 -5.74 -17.16 -1.07
N HIS B 416 -7.06 -17.27 -0.92
CA HIS B 416 -7.95 -16.68 -1.94
C HIS B 416 -7.79 -15.17 -1.97
N TYR B 417 -7.80 -14.53 -0.79
CA TYR B 417 -7.65 -13.07 -0.74
C TYR B 417 -6.29 -12.60 -1.28
N ALA B 418 -5.20 -13.28 -0.92
CA ALA B 418 -3.89 -12.89 -1.40
C ALA B 418 -3.81 -12.95 -2.94
N ARG B 419 -4.37 -14.04 -3.48
CA ARG B 419 -4.29 -14.31 -4.91
C ARG B 419 -5.33 -13.55 -5.75
N THR B 420 -6.31 -12.95 -5.10
CA THR B 420 -7.28 -12.16 -5.87
C THR B 420 -7.16 -10.66 -5.59
N TYR B 421 -7.24 -10.27 -4.32
CA TYR B 421 -7.16 -8.85 -3.97
C TYR B 421 -5.76 -8.33 -3.69
N GLY B 422 -4.83 -9.22 -3.35
CA GLY B 422 -3.47 -8.80 -3.09
C GLY B 422 -3.43 -7.76 -1.98
N SER B 423 -2.70 -6.67 -2.21
CA SER B 423 -2.61 -5.58 -1.23
C SER B 423 -3.89 -4.82 -0.91
N ASN B 424 -4.94 -4.99 -1.71
CA ASN B 424 -6.28 -4.47 -1.39
C ASN B 424 -7.07 -5.32 -0.36
N SER B 425 -6.51 -6.43 0.09
CA SER B 425 -7.25 -7.26 1.02
C SER B 425 -7.56 -6.49 2.29
N GLU B 426 -6.65 -5.59 2.70
CA GLU B 426 -6.93 -4.80 3.90
C GLU B 426 -8.16 -3.92 3.77
N LEU B 427 -8.40 -3.39 2.57
CA LEU B 427 -9.60 -2.60 2.32
C LEU B 427 -10.87 -3.46 2.36
N LEU B 428 -10.76 -4.68 1.84
CA LEU B 428 -11.86 -5.61 1.92
C LEU B 428 -12.19 -5.94 3.39
N LEU B 429 -11.18 -6.25 4.17
CA LEU B 429 -11.38 -6.82 5.50
C LEU B 429 -11.80 -5.72 6.47
N GLY B 430 -11.44 -4.46 6.15
CA GLY B 430 -11.90 -3.31 6.94
C GLY B 430 -11.65 -3.54 8.42
N ASN B 431 -12.69 -3.34 9.24
CA ASN B 431 -12.53 -3.51 10.70
C ASN B 431 -12.90 -4.91 11.23
N ALA B 432 -13.02 -5.88 10.33
CA ALA B 432 -13.31 -7.25 10.75
C ALA B 432 -12.26 -7.88 11.68
N GLY B 433 -12.71 -8.58 12.72
CA GLY B 433 -11.78 -9.31 13.57
C GLY B 433 -12.18 -10.71 13.94
N THR B 434 -13.28 -11.19 13.36
CA THR B 434 -13.63 -12.59 13.44
C THR B 434 -14.24 -13.01 12.11
N VAL B 435 -14.46 -14.32 11.96
CA VAL B 435 -15.22 -14.82 10.83
C VAL B 435 -16.62 -14.24 10.75
N SER B 436 -17.31 -14.10 11.88
CA SER B 436 -18.68 -13.62 11.81
C SER B 436 -18.81 -12.15 11.37
N ASP B 437 -17.73 -11.38 11.55
CA ASP B 437 -17.65 -9.99 11.08
C ASP B 437 -17.66 -9.91 9.54
N LEU B 438 -17.36 -11.03 8.90
CA LEU B 438 -17.47 -11.12 7.43
C LEU B 438 -18.91 -11.19 6.87
N GLY B 439 -19.89 -11.43 7.75
CA GLY B 439 -21.31 -11.35 7.40
C GLY B 439 -21.75 -12.60 6.66
N GLU B 440 -22.75 -12.47 5.79
CA GLU B 440 -23.41 -13.67 5.25
C GLU B 440 -22.46 -14.58 4.49
N ASP B 441 -22.54 -15.88 4.77
CA ASP B 441 -21.77 -16.86 4.04
C ASP B 441 -22.57 -17.32 2.82
N PHE B 442 -22.08 -17.00 1.63
CA PHE B 442 -22.81 -17.33 0.40
C PHE B 442 -22.43 -18.73 -0.09
N GLY B 443 -21.42 -19.33 0.52
CA GLY B 443 -20.87 -20.59 0.05
C GLY B 443 -19.37 -20.51 -0.22
N HIS B 444 -18.66 -21.61 0.07
CA HIS B 444 -17.25 -21.74 -0.33
C HIS B 444 -16.48 -20.50 0.16
N GLU B 445 -16.79 -20.07 1.38
CA GLU B 445 -16.11 -18.92 2.02
C GLU B 445 -16.14 -17.65 1.17
N PHE B 446 -17.23 -17.51 0.44
CA PHE B 446 -17.49 -16.27 -0.29
C PHE B 446 -18.46 -15.49 0.59
N TYR B 447 -17.91 -14.54 1.36
CA TYR B 447 -18.70 -13.82 2.34
C TYR B 447 -19.21 -12.48 1.85
N GLU B 448 -20.26 -11.99 2.54
CA GLU B 448 -20.76 -10.65 2.36
C GLU B 448 -19.66 -9.57 2.30
N ALA B 449 -18.65 -9.63 3.16
CA ALA B 449 -17.59 -8.59 3.18
C ALA B 449 -16.93 -8.49 1.80
N GLU B 450 -16.80 -9.66 1.16
CA GLU B 450 -16.11 -9.73 -0.15
C GLU B 450 -17.03 -9.21 -1.26
N LEU B 451 -18.28 -9.67 -1.22
CA LEU B 451 -19.26 -9.22 -2.23
C LEU B 451 -19.55 -7.73 -2.16
N LYS B 452 -19.64 -7.18 -0.95
CA LYS B 452 -19.74 -5.73 -0.74
C LYS B 452 -18.55 -4.98 -1.29
N TYR B 453 -17.35 -5.46 -0.98
CA TYR B 453 -16.12 -4.86 -1.46
C TYR B 453 -16.16 -4.84 -3.00
N LEU B 454 -16.61 -5.93 -3.58
CA LEU B 454 -16.63 -6.05 -5.06
C LEU B 454 -17.56 -5.00 -5.68
N VAL B 455 -18.73 -4.78 -5.08
CA VAL B 455 -19.64 -3.75 -5.58
C VAL B 455 -19.03 -2.36 -5.36
N ASP B 456 -18.52 -2.15 -4.15
CA ASP B 456 -17.99 -0.83 -3.80
C ASP B 456 -16.73 -0.40 -4.59
N HIS B 457 -15.85 -1.34 -4.89
CA HIS B 457 -14.55 -1.02 -5.40
C HIS B 457 -14.16 -1.66 -6.76
N GLU B 458 -14.99 -2.58 -7.21
CA GLU B 458 -14.68 -3.43 -8.36
C GLU B 458 -15.78 -3.45 -9.40
N TRP B 459 -16.66 -2.43 -9.35
CA TRP B 459 -17.72 -2.26 -10.34
C TRP B 459 -18.65 -3.46 -10.52
N VAL B 460 -18.77 -4.33 -9.51
CA VAL B 460 -19.67 -5.45 -9.67
C VAL B 460 -21.12 -4.98 -9.63
N ARG B 461 -21.92 -5.42 -10.60
CA ARG B 461 -23.32 -5.07 -10.74
C ARG B 461 -24.23 -6.29 -10.75
N ARG B 462 -23.74 -7.41 -11.30
CA ARG B 462 -24.56 -8.58 -11.49
C ARG B 462 -23.76 -9.79 -10.96
N ALA B 463 -24.45 -10.88 -10.66
CA ALA B 463 -23.74 -12.01 -10.04
C ALA B 463 -22.59 -12.51 -10.90
N ASP B 464 -22.79 -12.61 -12.21
CA ASP B 464 -21.71 -13.11 -13.07
C ASP B 464 -20.43 -12.27 -12.97
N ASP B 465 -20.56 -10.95 -12.86
CA ASP B 465 -19.39 -10.08 -12.64
C ASP B 465 -18.58 -10.58 -11.44
N ALA B 466 -19.27 -10.90 -10.34
CA ALA B 466 -18.55 -11.27 -9.09
C ALA B 466 -18.04 -12.72 -9.15
N LEU B 467 -18.83 -13.61 -9.75
CA LEU B 467 -18.60 -15.06 -9.61
C LEU B 467 -17.76 -15.64 -10.73
N TRP B 468 -17.68 -14.91 -11.86
CA TRP B 468 -16.97 -15.38 -13.04
C TRP B 468 -15.89 -14.48 -13.63
N ARG B 469 -15.89 -13.21 -13.24
CA ARG B 469 -14.83 -12.30 -13.70
C ARG B 469 -13.96 -11.79 -12.55
N ARG B 470 -14.57 -11.15 -11.56
CA ARG B 470 -13.84 -10.71 -10.38
C ARG B 470 -13.18 -11.92 -9.71
N THR B 471 -13.94 -13.01 -9.59
CA THR B 471 -13.43 -14.27 -9.02
C THR B 471 -13.80 -15.40 -9.95
N LYS B 472 -13.55 -16.64 -9.50
CA LYS B 472 -14.13 -17.79 -10.20
C LYS B 472 -14.84 -18.69 -9.19
N GLN B 473 -15.46 -18.03 -8.22
CA GLN B 473 -16.36 -18.71 -7.25
C GLN B 473 -17.59 -19.38 -7.89
N GLY B 474 -17.91 -19.02 -9.15
CA GLY B 474 -18.92 -19.77 -9.89
C GLY B 474 -18.60 -21.26 -10.05
N MET B 475 -17.32 -21.60 -9.99
CA MET B 475 -16.91 -23.00 -10.14
C MET B 475 -17.43 -23.84 -8.94
N TRP B 476 -17.75 -23.20 -7.82
CA TRP B 476 -18.15 -23.90 -6.59
C TRP B 476 -19.60 -23.66 -6.14
N LEU B 477 -20.13 -22.45 -6.35
CA LEU B 477 -21.47 -22.15 -5.82
C LEU B 477 -22.50 -22.88 -6.64
N ASN B 478 -23.48 -23.49 -5.99
CA ASN B 478 -24.57 -24.13 -6.70
C ASN B 478 -25.60 -23.10 -7.18
N ALA B 479 -26.64 -23.57 -7.88
CA ALA B 479 -27.60 -22.65 -8.52
C ALA B 479 -28.32 -21.77 -7.52
N ASP B 480 -28.74 -22.38 -6.40
CA ASP B 480 -29.41 -21.65 -5.33
C ASP B 480 -28.50 -20.60 -4.73
N GLN B 481 -27.22 -20.94 -4.51
CA GLN B 481 -26.27 -19.97 -3.95
C GLN B 481 -26.02 -18.82 -4.92
N GLN B 482 -25.97 -19.12 -6.20
CA GLN B 482 -25.74 -18.06 -7.21
C GLN B 482 -26.97 -17.16 -7.32
N SER B 483 -28.13 -17.76 -7.20
CA SER B 483 -29.37 -17.01 -7.07
C SER B 483 -29.41 -16.07 -5.85
N ARG B 484 -28.97 -16.55 -4.69
CA ARG B 484 -28.83 -15.69 -3.52
C ARG B 484 -27.87 -14.51 -3.71
N VAL B 485 -26.72 -14.78 -4.33
CA VAL B 485 -25.79 -13.68 -4.66
C VAL B 485 -26.54 -12.63 -5.51
N SER B 486 -27.33 -13.06 -6.47
CA SER B 486 -28.03 -12.10 -7.34
C SER B 486 -29.03 -11.26 -6.55
N GLN B 487 -29.71 -11.93 -5.62
CA GLN B 487 -30.71 -11.30 -4.79
C GLN B 487 -30.06 -10.28 -3.85
N TRP B 488 -28.92 -10.63 -3.24
CA TRP B 488 -28.17 -9.72 -2.40
C TRP B 488 -27.74 -8.48 -3.19
N LEU B 489 -27.38 -8.67 -4.47
CA LEU B 489 -26.89 -7.54 -5.28
C LEU B 489 -28.03 -6.58 -5.61
N VAL B 490 -29.18 -7.13 -5.96
CA VAL B 490 -30.35 -6.31 -6.24
C VAL B 490 -30.62 -5.43 -5.01
N GLU B 491 -30.61 -6.03 -3.82
CA GLU B 491 -30.87 -5.30 -2.59
C GLU B 491 -29.83 -4.22 -2.32
N TYR B 492 -28.56 -4.62 -2.30
CA TYR B 492 -27.50 -3.67 -1.99
C TYR B 492 -27.47 -2.54 -3.01
N THR B 493 -27.54 -2.86 -4.29
CA THR B 493 -27.24 -1.90 -5.36
C THR B 493 -28.42 -1.04 -5.75
N GLN B 494 -29.61 -1.39 -5.30
CA GLN B 494 -30.74 -0.60 -5.78
C GLN B 494 -31.19 0.43 -4.76
N GLN B 495 -30.86 0.15 -3.50
CA GLN B 495 -31.06 1.10 -2.42
C GLN B 495 -30.06 0.81 -1.31
N ARG B 496 -29.86 1.80 -0.44
CA ARG B 496 -28.76 1.78 0.53
C ARG B 496 -27.44 1.45 -0.16
N LEU B 497 -27.18 2.17 -1.24
CA LEU B 497 -25.88 2.79 -1.48
C LEU B 497 -26.11 3.88 -2.52
N SER B 498 -26.37 3.44 -3.74
CA SER B 498 -27.27 4.16 -4.64
C SER B 498 -28.49 4.63 -3.85
N LEU B 499 -28.70 5.94 -3.79
CA LEU B 499 -29.13 6.57 -2.56
C LEU B 499 -30.64 6.82 -2.45
N ALA B 500 -31.42 5.73 -2.51
CA ALA B 500 -32.87 5.82 -2.33
C ALA B 500 -33.58 4.49 -2.61
N SER B 501 -34.81 4.39 -2.11
CA SER B 501 -35.73 3.29 -2.44
C SER B 501 -35.75 2.19 -1.37
#